data_6LPW
#
_entry.id   6LPW
#
_cell.length_a   60.989
_cell.length_b   103.062
_cell.length_c   135.411
_cell.angle_alpha   90.000
_cell.angle_beta   90.000
_cell.angle_gamma   90.000
#
_symmetry.space_group_name_H-M   'P 21 21 21'
#
loop_
_entity.id
_entity.type
_entity.pdbx_description
1 polymer 'Spermidine sinapoyl-CoA acyltransferase'
2 non-polymer SPERMIDINE
3 water water
#
_entity_poly.entity_id   1
_entity_poly.type   'polypeptide(L)'
_entity_poly.pdbx_seq_one_letter_code
;MPIHIGSSIPLMVEKMLTEMVKPSKHIPQQTLNLSTLDNDPYNEVIYKACYVFKAKNVADDDNRPEALLREALSDLLGYY
YPLSGSLKRQESDRKLQLSCGGDGGGVPFTVATANVELSSLKNLENIDSDTALNFLPVLHVDIDGYRPFALQVTKFECGG
FILGMAMSHAMCDGYGEGHIMCALTDLAGGKKKPMVTPIWERERLVGKPEDDQPPFVPGDDTAASPYLPTDDWVTEKITI
RADSIRRLKEATLKEYDFSNETITTFEVIGAYLWKSRVKALNLDRDGVTVLGLSVGIRNVVDPPLPDGYYGNAYIDMYVP
LTAREVEEFTISDIVKLIKEAKRNAHDKDYLQEELANTEKIIKMNLTIKGKKDGLFCLTDWRNIGIFGSMDFGWDEPVNI
VPVVPSETARTVNMFMRPSRLESDMVGGVQIVVTLPRIAMVKFKEEMEALE
;
_entity_poly.pdbx_strand_id   A,B
#
# COMPACT_ATOMS: atom_id res chain seq x y z
N PRO A 10 -2.35 29.43 -35.41
CA PRO A 10 -0.93 29.69 -35.12
C PRO A 10 -0.73 30.32 -33.74
N LEU A 11 -1.36 29.71 -32.73
CA LEU A 11 -1.38 30.29 -31.38
C LEU A 11 0.02 30.32 -30.78
N MET A 12 0.42 31.49 -30.30
CA MET A 12 1.69 31.67 -29.62
C MET A 12 1.45 32.46 -28.33
N VAL A 13 1.81 31.85 -27.20
CA VAL A 13 1.71 32.48 -25.89
C VAL A 13 3.12 32.77 -25.41
N GLU A 14 3.41 34.03 -25.11
CA GLU A 14 4.75 34.46 -24.75
C GLU A 14 4.75 35.03 -23.33
N LYS A 15 5.59 34.49 -22.48
CA LYS A 15 5.77 35.00 -21.13
C LYS A 15 6.69 36.21 -21.16
N MET A 16 6.21 37.33 -20.60
CA MET A 16 7.00 38.55 -20.55
C MET A 16 7.88 38.63 -19.32
N LEU A 17 7.43 38.08 -18.19
CA LEU A 17 8.08 38.33 -16.92
C LEU A 17 7.65 37.27 -15.91
N THR A 18 8.54 37.02 -14.94
CA THR A 18 8.19 36.25 -13.75
C THR A 18 8.86 36.94 -12.56
N GLU A 19 8.05 37.53 -11.70
CA GLU A 19 8.54 38.13 -10.45
C GLU A 19 8.24 37.21 -9.28
N MET A 20 9.08 37.31 -8.25
CA MET A 20 8.81 36.65 -6.98
C MET A 20 8.12 37.66 -6.06
N VAL A 21 6.95 37.31 -5.59
CA VAL A 21 6.13 38.19 -4.76
C VAL A 21 6.17 37.66 -3.33
N LYS A 22 6.52 38.53 -2.39
CA LYS A 22 6.68 38.19 -0.99
C LYS A 22 5.55 38.78 -0.16
N PRO A 23 5.33 38.27 1.06
CA PRO A 23 4.27 38.83 1.91
C PRO A 23 4.52 40.30 2.22
N SER A 24 3.43 41.05 2.35
CA SER A 24 3.51 42.47 2.65
C SER A 24 3.90 42.75 4.08
N LYS A 25 4.07 41.73 4.92
CA LYS A 25 4.45 41.92 6.31
C LYS A 25 5.45 40.83 6.70
N HIS A 26 6.31 41.17 7.65
CA HIS A 26 7.36 40.25 8.05
C HIS A 26 6.78 39.01 8.73
N ILE A 27 7.29 37.85 8.35
CA ILE A 27 6.89 36.58 8.92
C ILE A 27 8.08 36.03 9.70
N PRO A 28 7.92 35.70 10.98
CA PRO A 28 9.02 35.07 11.72
C PRO A 28 9.44 33.77 11.05
N GLN A 29 10.74 33.54 11.01
CA GLN A 29 11.24 32.30 10.42
C GLN A 29 10.73 31.11 11.23
N GLN A 30 10.05 30.20 10.55
CA GLN A 30 9.48 29.04 11.22
C GLN A 30 9.49 27.86 10.24
N THR A 31 9.50 26.66 10.82
CA THR A 31 9.42 25.43 10.05
C THR A 31 8.15 24.70 10.46
N LEU A 32 7.29 24.43 9.48
CA LEU A 32 6.00 23.81 9.73
C LEU A 32 6.01 22.36 9.28
N ASN A 33 5.29 21.53 10.01
CA ASN A 33 5.01 20.17 9.59
C ASN A 33 3.61 20.10 8.98
N LEU A 34 3.37 19.03 8.25
CA LEU A 34 2.12 18.87 7.53
C LEU A 34 1.38 17.66 8.08
N SER A 35 0.16 17.46 7.60
CA SER A 35 -0.63 16.34 8.08
C SER A 35 -0.17 15.04 7.43
N THR A 36 -0.68 13.93 7.94
CA THR A 36 -0.44 12.63 7.30
C THR A 36 -1.00 12.62 5.89
N LEU A 37 -2.20 13.17 5.71
CA LEU A 37 -2.78 13.30 4.37
C LEU A 37 -1.89 14.15 3.47
N ASP A 38 -1.38 15.26 4.01
CA ASP A 38 -0.51 16.13 3.23
C ASP A 38 0.78 15.42 2.82
N ASN A 39 1.30 14.55 3.67
CA ASN A 39 2.58 13.90 3.42
C ASN A 39 2.48 12.69 2.50
N ASP A 40 1.26 12.18 2.28
CA ASP A 40 1.00 11.07 1.37
C ASP A 40 1.71 11.30 0.04
N PRO A 41 2.73 10.49 -0.29
CA PRO A 41 3.46 10.72 -1.55
C PRO A 41 2.61 10.54 -2.80
N TYR A 42 1.42 9.97 -2.68
CA TYR A 42 0.48 9.98 -3.79
C TYR A 42 -0.12 11.35 -4.01
N ASN A 43 -0.03 12.24 -3.02
CA ASN A 43 -0.57 13.59 -3.13
C ASN A 43 0.47 14.63 -3.50
N GLU A 44 1.73 14.22 -3.72
CA GLU A 44 2.75 15.15 -4.20
C GLU A 44 2.61 15.32 -5.71
N VAL A 45 1.49 15.92 -6.09
CA VAL A 45 1.21 16.32 -7.46
C VAL A 45 0.85 17.80 -7.45
N ILE A 46 0.77 18.38 -8.63
CA ILE A 46 0.55 19.82 -8.77
C ILE A 46 -0.85 20.02 -9.35
N TYR A 47 -1.75 20.54 -8.53
CA TYR A 47 -3.06 20.96 -9.01
C TYR A 47 -2.90 22.18 -9.90
N LYS A 48 -3.74 22.27 -10.92
CA LYS A 48 -3.70 23.38 -11.87
C LYS A 48 -5.10 23.74 -12.32
N ALA A 49 -5.36 25.04 -12.46
CA ALA A 49 -6.67 25.53 -12.85
C ALA A 49 -6.52 26.85 -13.59
N CYS A 50 -7.33 27.03 -14.63
CA CYS A 50 -7.40 28.27 -15.37
C CYS A 50 -8.71 28.99 -15.05
N TYR A 51 -8.62 30.26 -14.69
CA TYR A 51 -9.78 31.11 -14.47
C TYR A 51 -9.85 32.13 -15.59
N VAL A 52 -10.91 32.05 -16.39
CA VAL A 52 -11.02 32.79 -17.65
C VAL A 52 -11.93 33.99 -17.43
N PHE A 53 -11.39 35.19 -17.68
CA PHE A 53 -12.10 36.44 -17.45
C PHE A 53 -12.30 37.17 -18.78
N LYS A 54 -13.52 37.64 -19.00
CA LYS A 54 -13.85 38.38 -20.22
C LYS A 54 -13.37 39.82 -20.11
N ALA A 55 -13.27 40.47 -21.27
CA ALA A 55 -12.78 41.84 -21.31
C ALA A 55 -13.78 42.81 -20.70
N LYS A 56 -13.27 43.94 -20.24
CA LYS A 56 -14.06 45.00 -19.64
C LYS A 56 -14.53 45.99 -20.71
N ASN A 57 -15.57 46.74 -20.37
CA ASN A 57 -16.06 47.80 -21.25
C ASN A 57 -15.30 49.09 -20.99
N ASN A 63 -6.02 50.81 -14.37
CA ASN A 63 -5.90 49.63 -13.52
C ASN A 63 -5.90 48.36 -14.36
N ARG A 64 -4.73 47.72 -14.45
CA ARG A 64 -4.55 46.48 -15.19
C ARG A 64 -4.70 45.27 -14.26
N PRO A 65 -5.34 44.20 -14.73
CA PRO A 65 -5.61 43.06 -13.84
C PRO A 65 -4.37 42.45 -13.22
N GLU A 66 -3.25 42.41 -13.94
CA GLU A 66 -2.05 41.78 -13.39
C GLU A 66 -1.44 42.61 -12.27
N ALA A 67 -1.56 43.94 -12.35
CA ALA A 67 -1.05 44.77 -11.26
C ALA A 67 -1.92 44.64 -10.01
N LEU A 68 -3.23 44.52 -10.18
CA LEU A 68 -4.11 44.32 -9.04
C LEU A 68 -3.88 42.95 -8.40
N LEU A 69 -3.76 41.91 -9.21
CA LEU A 69 -3.59 40.56 -8.68
C LEU A 69 -2.24 40.40 -8.00
N ARG A 70 -1.20 41.03 -8.55
CA ARG A 70 0.12 40.94 -7.94
C ARG A 70 0.14 41.60 -6.57
N GLU A 71 -0.51 42.76 -6.44
CA GLU A 71 -0.61 43.42 -5.15
C GLU A 71 -1.42 42.59 -4.15
N ALA A 72 -2.54 42.04 -4.60
CA ALA A 72 -3.35 41.20 -3.72
C ALA A 72 -2.58 39.96 -3.28
N LEU A 73 -1.76 39.41 -4.18
CA LEU A 73 -0.98 38.22 -3.85
C LEU A 73 -0.04 38.50 -2.68
N SER A 74 0.65 39.65 -2.72
CA SER A 74 1.54 40.01 -1.62
C SER A 74 0.77 40.18 -0.31
N ASP A 75 -0.44 40.75 -0.39
CA ASP A 75 -1.28 40.84 0.80
C ASP A 75 -1.86 39.48 1.16
N LEU A 76 -2.15 38.64 0.16
CA LEU A 76 -2.64 37.30 0.44
C LEU A 76 -1.63 36.50 1.24
N LEU A 77 -0.34 36.64 0.90
CA LEU A 77 0.70 35.93 1.63
C LEU A 77 0.86 36.43 3.07
N GLY A 78 0.25 37.56 3.42
CA GLY A 78 0.23 37.97 4.81
C GLY A 78 -0.57 37.00 5.67
N TYR A 79 -1.65 36.45 5.11
CA TYR A 79 -2.45 35.44 5.78
C TYR A 79 -1.94 34.04 5.46
N TYR A 80 -1.84 33.72 4.18
CA TYR A 80 -1.40 32.41 3.71
C TYR A 80 0.12 32.37 3.51
N TYR A 81 0.88 32.78 4.53
CA TYR A 81 2.33 32.83 4.36
C TYR A 81 3.00 31.47 4.14
N PRO A 82 2.46 30.33 4.60
CA PRO A 82 3.04 29.05 4.18
C PRO A 82 3.10 28.87 2.67
N LEU A 83 2.22 29.54 1.91
CA LEU A 83 2.27 29.47 0.46
C LEU A 83 3.57 30.03 -0.10
N SER A 84 4.24 30.90 0.65
CA SER A 84 5.48 31.53 0.23
C SER A 84 6.72 30.77 0.69
N GLY A 85 6.55 29.73 1.50
CA GLY A 85 7.67 28.94 1.98
C GLY A 85 8.18 27.95 0.95
N SER A 86 9.06 27.08 1.41
CA SER A 86 9.68 26.05 0.57
C SER A 86 9.42 24.68 1.17
N LEU A 87 8.90 23.77 0.34
CA LEU A 87 8.58 22.41 0.75
C LEU A 87 9.74 21.49 0.43
N LYS A 88 10.11 20.63 1.39
CA LYS A 88 11.19 19.68 1.19
C LYS A 88 10.92 18.45 2.05
N ARG A 89 11.16 17.27 1.47
CA ARG A 89 11.00 16.02 2.17
C ARG A 89 12.32 15.61 2.81
N GLN A 90 12.32 15.39 4.12
CA GLN A 90 13.53 15.02 4.84
C GLN A 90 13.85 13.55 4.62
N GLU A 91 15.12 13.24 4.41
CA GLU A 91 15.52 11.85 4.23
C GLU A 91 15.38 11.06 5.53
N SER A 92 15.56 11.72 6.68
CA SER A 92 15.28 11.06 7.95
C SER A 92 13.83 10.61 8.02
N ASP A 93 12.90 11.55 7.85
CA ASP A 93 11.48 11.32 8.05
C ASP A 93 10.78 10.77 6.82
N ARG A 94 11.25 11.11 5.62
CA ARG A 94 10.46 11.03 4.39
C ARG A 94 9.17 11.82 4.53
N LYS A 95 9.16 12.79 5.44
CA LYS A 95 8.05 13.71 5.63
C LYS A 95 8.43 15.09 5.09
N LEU A 96 7.41 15.87 4.76
CA LEU A 96 7.62 17.20 4.22
C LEU A 96 7.85 18.20 5.35
N GLN A 97 8.70 19.18 5.09
CA GLN A 97 8.92 20.31 5.97
C GLN A 97 8.75 21.59 5.16
N LEU A 98 8.07 22.56 5.75
CA LEU A 98 7.76 23.83 5.08
C LEU A 98 8.43 24.96 5.85
N SER A 99 9.50 25.51 5.27
CA SER A 99 10.22 26.62 5.87
C SER A 99 9.71 27.93 5.28
N CYS A 100 9.10 28.76 6.11
CA CYS A 100 8.56 30.06 5.72
C CYS A 100 9.20 31.16 6.56
N GLY A 101 8.96 32.40 6.14
CA GLY A 101 9.34 33.57 6.93
C GLY A 101 10.75 34.07 6.70
N GLY A 102 10.91 35.38 6.60
CA GLY A 102 12.20 35.99 6.32
C GLY A 102 12.44 35.25 5.02
N ASP A 103 13.60 34.58 4.94
CA ASP A 103 13.86 33.52 3.97
C ASP A 103 14.28 34.24 2.69
N GLY A 105 12.23 34.02 0.09
CA GLY A 105 11.09 33.28 -0.41
C GLY A 105 10.09 34.16 -1.12
N GLY A 106 9.05 33.56 -1.66
CA GLY A 106 8.08 34.28 -2.46
C GLY A 106 7.44 33.39 -3.50
N VAL A 107 6.27 33.81 -3.96
CA VAL A 107 5.47 33.04 -4.90
C VAL A 107 5.74 33.58 -6.30
N PRO A 108 6.11 32.72 -7.26
CA PRO A 108 6.33 33.21 -8.63
C PRO A 108 5.04 33.72 -9.25
N PHE A 109 5.16 34.83 -9.99
CA PHE A 109 4.02 35.49 -10.63
C PHE A 109 4.43 35.83 -12.05
N THR A 110 3.80 35.18 -13.02
CA THR A 110 4.14 35.32 -14.42
C THR A 110 3.06 36.08 -15.17
N VAL A 111 3.48 36.99 -16.06
CA VAL A 111 2.58 37.69 -16.96
C VAL A 111 2.91 37.28 -18.38
N ALA A 112 1.90 36.88 -19.13
CA ALA A 112 2.07 36.42 -20.50
C ALA A 112 1.05 37.08 -21.40
N THR A 113 1.34 37.07 -22.71
CA THR A 113 0.40 37.53 -23.72
C THR A 113 0.15 36.43 -24.73
N ALA A 114 -1.06 36.41 -25.28
CA ALA A 114 -1.43 35.51 -26.36
C ALA A 114 -1.82 36.33 -27.58
N ASN A 115 -1.48 35.81 -28.76
CA ASN A 115 -1.70 36.52 -30.01
C ASN A 115 -3.08 36.28 -30.62
N VAL A 116 -4.04 35.82 -29.81
CA VAL A 116 -5.40 35.61 -30.27
C VAL A 116 -6.36 36.27 -29.27
N GLU A 117 -7.62 36.38 -29.68
CA GLU A 117 -8.65 36.77 -28.73
C GLU A 117 -9.15 35.55 -27.98
N LEU A 118 -9.73 35.80 -26.81
CA LEU A 118 -10.29 34.73 -25.99
C LEU A 118 -11.28 33.88 -26.76
N SER A 119 -12.01 34.48 -27.72
CA SER A 119 -13.12 33.79 -28.37
C SER A 119 -12.64 32.69 -29.32
N SER A 120 -11.43 32.82 -29.88
CA SER A 120 -10.89 31.74 -30.70
C SER A 120 -10.47 30.55 -29.86
N LEU A 121 -10.49 30.65 -28.54
CA LEU A 121 -10.27 29.54 -27.64
C LEU A 121 -11.54 29.04 -27.00
N LYS A 122 -12.68 29.65 -27.34
CA LYS A 122 -13.99 29.31 -26.78
C LYS A 122 -14.00 29.35 -25.27
N ASN A 123 -13.25 30.28 -24.68
CA ASN A 123 -13.12 30.39 -23.23
C ASN A 123 -12.65 29.07 -22.60
N LEU A 124 -11.87 28.31 -23.35
CA LEU A 124 -11.30 27.03 -22.92
C LEU A 124 -12.34 25.94 -22.74
N GLU A 125 -13.51 26.09 -23.35
CA GLU A 125 -14.58 25.11 -23.18
C GLU A 125 -14.23 23.74 -23.75
N ASN A 126 -13.30 23.68 -24.72
CA ASN A 126 -12.93 22.43 -25.37
C ASN A 126 -11.41 22.29 -25.44
N ILE A 127 -10.71 22.85 -24.46
CA ILE A 127 -9.26 23.00 -24.57
C ILE A 127 -8.59 21.63 -24.41
N ASP A 128 -7.67 21.33 -25.33
CA ASP A 128 -6.78 20.20 -25.14
C ASP A 128 -5.92 20.45 -23.91
N SER A 129 -5.85 19.47 -23.02
CA SER A 129 -5.22 19.71 -21.72
C SER A 129 -3.72 19.95 -21.85
N ASP A 130 -3.09 19.41 -22.89
CA ASP A 130 -1.72 19.82 -23.20
C ASP A 130 -1.67 21.29 -23.59
N THR A 131 -2.58 21.73 -24.45
CA THR A 131 -2.64 23.13 -24.85
C THR A 131 -2.88 24.04 -23.66
N ALA A 132 -3.64 23.57 -22.66
CA ALA A 132 -3.91 24.37 -21.48
C ALA A 132 -2.65 24.71 -20.70
N LEU A 133 -1.58 23.92 -20.86
CA LEU A 133 -0.34 24.19 -20.14
C LEU A 133 0.25 25.54 -20.52
N ASN A 134 -0.06 26.04 -21.72
CA ASN A 134 0.42 27.35 -22.13
C ASN A 134 -0.05 28.47 -21.22
N PHE A 135 -1.13 28.25 -20.46
CA PHE A 135 -1.70 29.26 -19.57
C PHE A 135 -1.47 28.93 -18.10
N LEU A 136 -0.60 27.99 -17.80
CA LEU A 136 -0.43 27.59 -16.41
C LEU A 136 1.01 27.77 -15.97
N PRO A 137 1.23 28.27 -14.76
CA PRO A 137 2.59 28.37 -14.24
C PRO A 137 3.08 27.01 -13.79
N VAL A 138 4.40 26.93 -13.56
CA VAL A 138 5.00 25.79 -12.92
C VAL A 138 5.52 26.22 -11.56
N LEU A 139 5.86 25.24 -10.73
CA LEU A 139 6.34 25.53 -9.38
C LEU A 139 7.83 25.87 -9.43
N HIS A 140 8.20 26.95 -8.75
CA HIS A 140 9.61 27.31 -8.61
C HIS A 140 10.31 26.34 -7.66
N VAL A 141 11.41 25.72 -8.13
CA VAL A 141 12.17 24.75 -7.35
C VAL A 141 13.54 25.33 -7.02
N ASP A 142 14.09 24.91 -5.88
CA ASP A 142 15.32 25.52 -5.38
C ASP A 142 16.05 24.56 -4.42
N ILE A 143 17.23 25.02 -3.95
CA ILE A 143 17.96 24.37 -2.86
C ILE A 143 16.99 23.96 -1.76
N ASP A 144 16.20 24.91 -1.28
CA ASP A 144 15.36 24.77 -0.11
C ASP A 144 14.12 23.97 -0.37
N GLY A 145 13.99 23.41 -1.57
CA GLY A 145 12.76 22.79 -2.01
C GLY A 145 12.00 23.68 -2.96
N TYR A 146 10.71 23.40 -3.09
CA TYR A 146 9.86 24.12 -4.03
C TYR A 146 8.84 24.98 -3.30
N ARG A 147 8.56 26.14 -3.89
CA ARG A 147 7.45 26.96 -3.44
C ARG A 147 6.15 26.32 -3.90
N PRO A 148 5.18 26.13 -3.00
CA PRO A 148 3.99 25.33 -3.33
C PRO A 148 2.94 26.05 -4.17
N PHE A 149 3.13 27.34 -4.48
CA PHE A 149 2.09 28.13 -5.12
C PHE A 149 2.69 28.97 -6.23
N ALA A 150 1.94 29.14 -7.32
CA ALA A 150 2.41 29.93 -8.45
C ALA A 150 1.21 30.42 -9.26
N LEU A 151 1.35 31.61 -9.84
CA LEU A 151 0.28 32.25 -10.57
C LEU A 151 0.78 32.76 -11.92
N GLN A 152 -0.09 32.71 -12.91
CA GLN A 152 0.17 33.26 -14.23
C GLN A 152 -1.06 34.03 -14.71
N VAL A 153 -0.82 35.17 -15.34
CA VAL A 153 -1.87 35.95 -15.99
C VAL A 153 -1.52 36.05 -17.47
N THR A 154 -2.32 35.45 -18.32
CA THR A 154 -2.15 35.52 -19.76
C THR A 154 -3.15 36.53 -20.33
N LYS A 155 -2.64 37.63 -20.86
CA LYS A 155 -3.48 38.67 -21.43
C LYS A 155 -3.74 38.38 -22.90
N PHE A 156 -4.98 38.58 -23.33
CA PHE A 156 -5.39 38.31 -24.70
C PHE A 156 -5.68 39.60 -25.44
N GLU A 157 -5.81 39.49 -26.75
CA GLU A 157 -6.03 40.67 -27.58
C GLU A 157 -7.43 41.24 -27.43
N CYS A 158 -8.37 40.46 -26.91
CA CYS A 158 -9.70 41.01 -26.66
C CYS A 158 -9.72 41.98 -25.50
N GLY A 159 -8.66 42.01 -24.68
CA GLY A 159 -8.70 42.64 -23.38
C GLY A 159 -9.08 41.72 -22.26
N GLY A 160 -9.50 40.49 -22.58
CA GLY A 160 -9.72 39.49 -21.56
C GLY A 160 -8.43 38.82 -21.14
N PHE A 161 -8.53 37.97 -20.12
CA PHE A 161 -7.33 37.33 -19.60
C PHE A 161 -7.68 36.05 -18.89
N ILE A 162 -6.68 35.18 -18.76
CA ILE A 162 -6.79 33.93 -18.03
C ILE A 162 -5.87 34.01 -16.82
N LEU A 163 -6.41 33.69 -15.65
CA LEU A 163 -5.63 33.56 -14.43
C LEU A 163 -5.36 32.08 -14.21
N GLY A 164 -4.11 31.67 -14.45
CA GLY A 164 -3.70 30.30 -14.25
C GLY A 164 -3.01 30.13 -12.91
N MET A 165 -3.22 28.98 -12.28
CA MET A 165 -2.68 28.73 -10.96
C MET A 165 -2.14 27.31 -10.87
N ALA A 166 -1.05 27.16 -10.12
CA ALA A 166 -0.50 25.85 -9.79
C ALA A 166 -0.35 25.78 -8.27
N MET A 167 -0.68 24.62 -7.71
CA MET A 167 -0.66 24.48 -6.27
C MET A 167 -0.26 23.05 -5.90
N SER A 168 0.73 22.92 -5.02
CA SER A 168 1.09 21.62 -4.48
C SER A 168 -0.12 20.97 -3.83
N HIS A 169 -0.46 19.76 -4.29
CA HIS A 169 -1.55 19.02 -3.66
C HIS A 169 -1.19 18.58 -2.25
N ALA A 170 0.11 18.45 -1.96
CA ALA A 170 0.52 18.23 -0.57
C ALA A 170 0.14 19.39 0.33
N MET A 171 -0.13 20.57 -0.25
CA MET A 171 -0.45 21.75 0.55
C MET A 171 -1.94 21.90 0.80
N CYS A 172 -2.78 21.54 -0.17
CA CYS A 172 -4.21 21.79 -0.04
C CYS A 172 -4.98 20.80 -0.90
N ASP A 173 -6.27 20.67 -0.58
CA ASP A 173 -7.22 20.02 -1.47
C ASP A 173 -8.05 21.11 -2.17
N GLY A 174 -9.10 20.70 -2.88
CA GLY A 174 -9.90 21.64 -3.64
C GLY A 174 -10.61 22.65 -2.75
N TYR A 175 -11.02 22.23 -1.56
CA TYR A 175 -11.64 23.16 -0.61
C TYR A 175 -10.66 24.28 -0.24
N GLY A 176 -9.41 23.91 0.05
CA GLY A 176 -8.42 24.93 0.36
C GLY A 176 -8.09 25.79 -0.84
N GLU A 177 -7.89 25.15 -2.00
CA GLU A 177 -7.63 25.87 -3.24
C GLU A 177 -8.71 26.91 -3.50
N GLY A 178 -9.98 26.54 -3.32
CA GLY A 178 -11.07 27.45 -3.60
C GLY A 178 -11.07 28.67 -2.69
N HIS A 179 -10.77 28.47 -1.40
CA HIS A 179 -10.75 29.61 -0.49
C HIS A 179 -9.55 30.50 -0.74
N ILE A 180 -8.41 29.92 -1.14
CA ILE A 180 -7.22 30.71 -1.43
C ILE A 180 -7.46 31.63 -2.62
N MET A 181 -7.97 31.05 -3.73
CA MET A 181 -8.20 31.84 -4.93
C MET A 181 -9.24 32.93 -4.69
N CYS A 182 -10.31 32.61 -3.95
CA CYS A 182 -11.34 33.61 -3.67
C CYS A 182 -10.83 34.70 -2.74
N ALA A 183 -10.02 34.33 -1.75
CA ALA A 183 -9.36 35.34 -0.94
C ALA A 183 -8.47 36.24 -1.78
N LEU A 184 -7.77 35.66 -2.76
CA LEU A 184 -6.91 36.45 -3.64
C LEU A 184 -7.71 37.47 -4.43
N THR A 185 -8.84 37.06 -5.01
CA THR A 185 -9.65 38.00 -5.78
C THR A 185 -10.42 38.96 -4.89
N ASP A 186 -10.76 38.53 -3.67
CA ASP A 186 -11.40 39.44 -2.71
C ASP A 186 -10.47 40.62 -2.40
N LEU A 187 -9.20 40.31 -2.10
CA LEU A 187 -8.23 41.37 -1.85
C LEU A 187 -8.00 42.22 -3.09
N ALA A 188 -7.94 41.57 -4.26
CA ALA A 188 -7.76 42.31 -5.52
C ALA A 188 -8.91 43.25 -5.80
N GLY A 189 -10.10 42.99 -5.26
CA GLY A 189 -11.25 43.83 -5.46
C GLY A 189 -11.44 44.95 -4.47
N GLY A 190 -10.56 45.08 -3.47
CA GLY A 190 -10.61 46.17 -2.52
C GLY A 190 -10.83 45.76 -1.08
N LYS A 191 -11.29 44.53 -0.83
CA LYS A 191 -11.46 44.09 0.54
C LYS A 191 -10.11 43.99 1.25
N LYS A 192 -10.11 44.31 2.54
CA LYS A 192 -8.87 44.45 3.29
C LYS A 192 -8.47 43.17 4.00
N LYS A 193 -9.45 42.40 4.47
CA LYS A 193 -9.32 41.07 5.02
C LYS A 193 -10.00 40.06 4.10
N PRO A 194 -9.50 38.84 4.00
CA PRO A 194 -10.31 37.77 3.41
C PRO A 194 -11.43 37.41 4.37
N MET A 195 -12.47 36.80 3.82
CA MET A 195 -13.65 36.57 4.64
C MET A 195 -13.47 35.40 5.60
N VAL A 196 -12.62 34.43 5.25
CA VAL A 196 -12.24 33.36 6.16
C VAL A 196 -10.78 33.52 6.52
N THR A 197 -10.48 33.51 7.82
CA THR A 197 -9.09 33.60 8.25
C THR A 197 -8.46 32.22 8.20
N PRO A 198 -7.31 32.05 7.54
CA PRO A 198 -6.72 30.73 7.41
C PRO A 198 -6.03 30.27 8.69
N ILE A 199 -6.13 28.98 8.95
CA ILE A 199 -5.44 28.35 10.08
C ILE A 199 -4.54 27.25 9.54
N TRP A 200 -3.61 26.82 10.38
CA TRP A 200 -2.76 25.68 10.04
C TRP A 200 -3.27 24.36 10.62
N GLU A 201 -3.03 24.14 11.92
CA GLU A 201 -3.58 23.01 12.66
C GLU A 201 -3.51 21.67 11.93
N ARG A 202 -2.42 21.44 11.19
CA ARG A 202 -2.29 20.20 10.43
C ARG A 202 -2.01 18.99 11.30
N GLU A 203 -1.68 19.19 12.58
CA GLU A 203 -1.44 18.08 13.48
C GLU A 203 -2.71 17.36 13.90
N ARG A 204 -3.87 17.92 13.55
CA ARG A 204 -5.14 17.25 13.84
C ARG A 204 -5.42 16.08 12.90
N LEU A 205 -4.65 15.95 11.83
CA LEU A 205 -4.80 14.82 10.91
C LEU A 205 -3.50 14.04 10.82
N VAL A 206 -3.01 13.56 11.96
CA VAL A 206 -1.73 12.86 12.05
C VAL A 206 -1.99 11.44 12.53
N GLY A 207 -1.46 10.46 11.79
CA GLY A 207 -1.74 9.06 12.05
C GLY A 207 -0.66 8.36 12.86
N LYS A 208 -0.88 7.05 13.06
CA LYS A 208 -0.12 6.25 14.02
C LYS A 208 1.39 5.97 13.91
N PRO A 209 1.95 5.35 12.83
CA PRO A 209 1.66 4.12 12.07
C PRO A 209 1.85 2.85 12.90
N GLU A 210 1.44 1.71 12.36
CA GLU A 210 1.46 0.44 13.08
C GLU A 210 2.63 -0.40 12.62
N ASP A 211 3.43 -0.87 13.58
CA ASP A 211 4.71 -1.48 13.24
C ASP A 211 4.56 -2.84 12.54
N ASP A 212 3.54 -3.61 12.90
CA ASP A 212 3.42 -4.98 12.42
C ASP A 212 2.47 -5.15 11.25
N GLN A 213 1.88 -4.06 10.74
CA GLN A 213 0.84 -4.14 9.73
C GLN A 213 1.39 -3.75 8.37
N PRO A 214 1.45 -4.67 7.40
CA PRO A 214 1.81 -4.28 6.03
C PRO A 214 0.72 -3.41 5.43
N PRO A 215 1.11 -2.34 4.75
CA PRO A 215 0.12 -1.37 4.29
C PRO A 215 -0.58 -1.81 3.03
N PHE A 216 -1.80 -1.36 2.95
CA PHE A 216 -2.55 -1.45 1.73
C PHE A 216 -2.07 -0.37 0.74
N VAL A 217 -1.60 -0.79 -0.42
CA VAL A 217 -1.13 0.13 -1.46
C VAL A 217 -2.10 0.08 -2.63
N PRO A 218 -2.78 1.18 -2.97
CA PRO A 218 -3.80 1.12 -4.00
C PRO A 218 -3.18 0.90 -5.38
N GLY A 219 -3.82 0.06 -6.17
CA GLY A 219 -3.33 -0.29 -7.48
C GLY A 219 -2.39 -1.48 -7.52
N ASP A 220 -1.77 -1.81 -6.38
CA ASP A 220 -0.96 -3.02 -6.31
C ASP A 220 -1.81 -4.25 -6.61
N ASP A 221 -1.32 -5.10 -7.50
CA ASP A 221 -1.93 -6.40 -7.77
C ASP A 221 -3.35 -6.27 -8.32
N THR A 222 -3.55 -5.32 -9.23
CA THR A 222 -4.84 -5.14 -9.87
C THR A 222 -4.85 -5.79 -11.25
N ALA A 223 -6.05 -5.96 -11.78
CA ALA A 223 -6.23 -6.62 -13.07
C ALA A 223 -5.44 -5.90 -14.16
N ALA A 224 -4.77 -6.68 -15.00
CA ALA A 224 -3.95 -6.13 -16.07
C ALA A 224 -4.79 -5.92 -17.33
N SER A 225 -4.34 -4.99 -18.16
CA SER A 225 -4.99 -4.67 -19.42
C SER A 225 -4.14 -5.15 -20.59
N PRO A 226 -4.76 -5.75 -21.61
CA PRO A 226 -4.00 -6.17 -22.79
C PRO A 226 -3.40 -5.02 -23.57
N TYR A 227 -3.88 -3.79 -23.36
CA TYR A 227 -3.40 -2.62 -24.08
C TYR A 227 -2.23 -1.93 -23.38
N LEU A 228 -1.85 -2.37 -22.18
CA LEU A 228 -0.83 -1.69 -21.41
C LEU A 228 0.39 -2.60 -21.23
N PRO A 229 1.60 -2.04 -21.25
CA PRO A 229 1.83 -0.59 -21.38
C PRO A 229 1.76 -0.09 -22.81
N THR A 230 1.30 1.14 -22.96
CA THR A 230 1.37 1.88 -24.21
C THR A 230 1.79 3.30 -23.87
N ASP A 231 2.17 4.06 -24.90
CA ASP A 231 2.42 5.48 -24.71
C ASP A 231 1.53 6.36 -25.57
N ASP A 232 0.62 5.79 -26.33
CA ASP A 232 -0.35 6.59 -27.08
C ASP A 232 -1.61 6.73 -26.22
N TRP A 233 -1.49 7.59 -25.21
CA TRP A 233 -2.58 7.92 -24.31
C TRP A 233 -3.20 9.25 -24.74
N VAL A 234 -4.53 9.32 -24.66
CA VAL A 234 -5.26 10.52 -25.08
C VAL A 234 -6.17 10.96 -23.95
N THR A 235 -6.31 12.28 -23.81
CA THR A 235 -7.23 12.90 -22.86
C THR A 235 -8.35 13.57 -23.64
N GLU A 236 -9.58 13.21 -23.33
CA GLU A 236 -10.76 13.87 -23.88
C GLU A 236 -11.69 14.22 -22.74
N LYS A 237 -12.51 15.25 -22.97
CA LYS A 237 -13.52 15.67 -22.00
C LYS A 237 -14.88 15.26 -22.52
N ILE A 238 -15.57 14.43 -21.74
CA ILE A 238 -16.86 13.86 -22.12
C ILE A 238 -17.94 14.61 -21.35
N THR A 239 -19.08 14.87 -22.01
CA THR A 239 -20.17 15.61 -21.42
C THR A 239 -21.40 14.73 -21.26
N ILE A 240 -21.93 14.69 -20.04
CA ILE A 240 -23.15 13.95 -19.72
C ILE A 240 -24.22 14.97 -19.34
N ARG A 241 -25.31 14.99 -20.10
CA ARG A 241 -26.33 16.02 -19.92
C ARG A 241 -27.26 15.67 -18.76
N ALA A 242 -27.86 16.71 -18.18
CA ALA A 242 -28.80 16.52 -17.08
C ALA A 242 -29.92 15.57 -17.45
N ASP A 243 -30.33 15.59 -18.73
CA ASP A 243 -31.33 14.65 -19.21
C ASP A 243 -30.86 13.21 -19.05
N SER A 244 -29.65 12.91 -19.54
CA SER A 244 -29.13 11.55 -19.43
C SER A 244 -28.95 11.12 -17.98
N ILE A 245 -28.55 12.06 -17.11
CA ILE A 245 -28.30 11.72 -15.71
C ILE A 245 -29.59 11.32 -15.02
N ARG A 246 -30.69 12.03 -15.30
CA ARG A 246 -31.98 11.68 -14.73
C ARG A 246 -32.42 10.29 -15.19
N ARG A 247 -32.32 10.03 -16.48
CA ARG A 247 -32.77 8.75 -17.01
C ARG A 247 -31.92 7.59 -16.51
N LEU A 248 -30.64 7.83 -16.20
CA LEU A 248 -29.83 6.79 -15.57
C LEU A 248 -30.20 6.62 -14.11
N LYS A 249 -30.52 7.71 -13.43
CA LYS A 249 -31.01 7.61 -12.06
C LYS A 249 -32.37 6.92 -12.02
N GLU A 250 -33.27 7.32 -12.92
CA GLU A 250 -34.58 6.67 -12.99
C GLU A 250 -34.44 5.17 -13.17
N ALA A 251 -33.64 4.73 -14.14
CA ALA A 251 -33.48 3.29 -14.37
C ALA A 251 -32.81 2.61 -13.19
N THR A 252 -31.82 3.26 -12.58
CA THR A 252 -31.12 2.67 -11.44
C THR A 252 -32.07 2.48 -10.26
N LEU A 253 -32.99 3.42 -10.05
CA LEU A 253 -33.92 3.32 -8.93
C LEU A 253 -34.93 2.20 -9.14
N LYS A 254 -35.19 1.81 -10.39
CA LYS A 254 -36.13 0.72 -10.65
C LYS A 254 -35.50 -0.65 -10.43
N GLU A 255 -34.20 -0.81 -10.71
CA GLU A 255 -33.52 -2.06 -10.38
C GLU A 255 -33.54 -2.34 -8.90
N TYR A 256 -33.65 -1.29 -8.08
CA TYR A 256 -33.60 -1.40 -6.62
C TYR A 256 -34.04 -0.08 -6.03
N ASP A 257 -35.15 -0.06 -5.30
CA ASP A 257 -35.57 1.17 -4.64
C ASP A 257 -34.65 1.40 -3.45
N PHE A 258 -33.88 2.48 -3.50
CA PHE A 258 -33.02 2.85 -2.39
C PHE A 258 -33.80 3.51 -1.27
N SER A 259 -35.13 3.49 -1.39
CA SER A 259 -36.04 3.71 -0.26
C SER A 259 -35.72 5.11 0.21
N ASN A 260 -35.62 5.34 1.49
CA ASN A 260 -35.30 6.67 2.05
C ASN A 260 -34.17 7.38 1.32
N GLU A 261 -33.14 6.65 0.94
CA GLU A 261 -31.92 7.26 0.45
C GLU A 261 -32.06 7.64 -1.02
N THR A 262 -31.43 8.75 -1.38
CA THR A 262 -31.31 9.21 -2.75
C THR A 262 -29.94 8.80 -3.31
N ILE A 263 -29.89 8.58 -4.62
CA ILE A 263 -28.65 8.18 -5.29
C ILE A 263 -28.11 9.38 -6.04
N THR A 264 -26.85 9.71 -5.78
CA THR A 264 -26.26 10.95 -6.26
C THR A 264 -25.76 10.80 -7.70
N THR A 265 -25.55 11.94 -8.35
CA THR A 265 -24.97 11.93 -9.69
C THR A 265 -23.57 11.35 -9.68
N PHE A 266 -22.78 11.69 -8.66
CA PHE A 266 -21.44 11.11 -8.53
C PHE A 266 -21.50 9.59 -8.42
N GLU A 267 -22.57 9.05 -7.83
CA GLU A 267 -22.65 7.60 -7.61
C GLU A 267 -22.99 6.87 -8.90
N VAL A 268 -24.04 7.29 -9.60
CA VAL A 268 -24.48 6.56 -10.79
C VAL A 268 -23.50 6.77 -11.94
N ILE A 269 -22.98 7.98 -12.11
CA ILE A 269 -22.01 8.22 -13.15
C ILE A 269 -20.69 7.53 -12.82
N GLY A 270 -20.26 7.61 -11.56
CA GLY A 270 -19.04 6.94 -11.15
C GLY A 270 -19.09 5.45 -11.43
N ALA A 271 -20.19 4.80 -11.04
CA ALA A 271 -20.36 3.38 -11.34
C ALA A 271 -20.38 3.14 -12.85
N TYR A 272 -21.02 4.04 -13.60
CA TYR A 272 -21.10 3.85 -15.04
C TYR A 272 -19.74 4.04 -15.70
N LEU A 273 -18.94 4.99 -15.21
CA LEU A 273 -17.59 5.16 -15.73
C LEU A 273 -16.75 3.91 -15.45
N TRP A 274 -16.86 3.36 -14.24
CA TRP A 274 -16.10 2.18 -13.87
C TRP A 274 -16.40 1.01 -14.81
N LYS A 275 -17.68 0.73 -15.03
CA LYS A 275 -18.07 -0.34 -15.95
C LYS A 275 -17.50 -0.11 -17.33
N SER A 276 -17.71 1.09 -17.88
CA SER A 276 -17.25 1.39 -19.24
C SER A 276 -15.74 1.35 -19.34
N ARG A 277 -15.03 1.76 -18.28
CA ARG A 277 -13.58 1.75 -18.30
C ARG A 277 -13.05 0.32 -18.26
N VAL A 278 -13.63 -0.53 -17.41
CA VAL A 278 -13.21 -1.93 -17.35
C VAL A 278 -13.40 -2.60 -18.70
N LYS A 279 -14.54 -2.36 -19.33
CA LYS A 279 -14.80 -2.96 -20.65
C LYS A 279 -13.86 -2.38 -21.71
N ALA A 280 -13.61 -1.07 -21.66
CA ALA A 280 -12.77 -0.44 -22.67
C ALA A 280 -11.33 -0.94 -22.58
N LEU A 281 -10.79 -1.04 -21.36
CA LEU A 281 -9.44 -1.56 -21.19
C LEU A 281 -9.38 -3.07 -21.24
N ASN A 282 -10.52 -3.75 -21.31
CA ASN A 282 -10.58 -5.21 -21.40
C ASN A 282 -9.79 -5.89 -20.28
N LEU A 283 -9.99 -5.39 -19.05
CA LEU A 283 -9.22 -5.87 -17.92
C LEU A 283 -9.41 -7.36 -17.70
N ASP A 284 -8.33 -8.05 -17.32
CA ASP A 284 -8.37 -9.45 -16.95
C ASP A 284 -9.54 -9.72 -16.03
N ARG A 285 -10.49 -10.54 -16.51
CA ARG A 285 -11.77 -10.69 -15.82
C ARG A 285 -11.60 -11.31 -14.44
N ASP A 286 -10.54 -12.09 -14.24
CA ASP A 286 -10.29 -12.66 -12.92
C ASP A 286 -9.54 -11.71 -12.01
N GLY A 287 -8.89 -10.69 -12.55
CA GLY A 287 -8.17 -9.75 -11.72
C GLY A 287 -9.10 -8.80 -11.00
N VAL A 288 -8.62 -8.28 -9.87
CA VAL A 288 -9.37 -7.33 -9.07
C VAL A 288 -9.12 -5.93 -9.61
N THR A 289 -10.21 -5.19 -9.85
CA THR A 289 -10.15 -3.77 -10.15
C THR A 289 -10.68 -2.98 -8.98
N VAL A 290 -10.18 -1.76 -8.81
CA VAL A 290 -10.36 -1.00 -7.58
C VAL A 290 -10.83 0.41 -7.92
N LEU A 291 -12.00 0.77 -7.43
CA LEU A 291 -12.53 2.11 -7.58
C LEU A 291 -12.11 2.95 -6.38
N GLY A 292 -11.38 4.02 -6.62
CA GLY A 292 -10.99 4.95 -5.58
C GLY A 292 -11.88 6.19 -5.64
N LEU A 293 -12.37 6.60 -4.48
CA LEU A 293 -13.20 7.78 -4.38
C LEU A 293 -12.83 8.57 -3.14
N SER A 294 -12.84 9.90 -3.29
CA SER A 294 -12.52 10.81 -2.20
C SER A 294 -13.77 11.17 -1.43
N VAL A 295 -13.66 11.15 -0.10
CA VAL A 295 -14.77 11.47 0.79
C VAL A 295 -14.29 12.53 1.77
N GLY A 296 -14.96 13.68 1.78
CA GLY A 296 -14.61 14.70 2.74
C GLY A 296 -14.82 14.22 4.16
N ILE A 297 -13.88 14.57 5.04
CA ILE A 297 -13.96 14.21 6.45
C ILE A 297 -13.85 15.43 7.35
N ARG A 298 -14.19 16.61 6.81
CA ARG A 298 -14.13 17.84 7.60
C ARG A 298 -14.89 17.71 8.90
N ASN A 299 -16.03 17.01 8.87
CA ASN A 299 -16.90 16.86 10.03
C ASN A 299 -16.78 15.50 10.69
N VAL A 300 -15.81 14.68 10.28
CA VAL A 300 -15.60 13.40 10.94
C VAL A 300 -14.72 13.58 12.18
N VAL A 301 -13.70 14.43 12.08
CA VAL A 301 -12.91 14.79 13.25
C VAL A 301 -13.79 15.58 14.22
N ASP A 302 -13.51 15.43 15.51
CA ASP A 302 -14.22 16.19 16.52
C ASP A 302 -13.26 17.10 17.27
N PRO A 303 -13.52 18.42 17.32
CA PRO A 303 -14.64 19.02 16.58
C PRO A 303 -14.29 19.16 15.10
N PRO A 304 -15.30 19.39 14.25
CA PRO A 304 -15.02 19.49 12.81
C PRO A 304 -14.01 20.59 12.50
N LEU A 305 -13.34 20.44 11.36
CA LEU A 305 -12.34 21.41 10.97
C LEU A 305 -13.01 22.74 10.62
N PRO A 306 -12.42 23.86 11.03
CA PRO A 306 -12.96 25.16 10.62
C PRO A 306 -12.79 25.37 9.12
N ASP A 307 -13.54 26.34 8.59
CA ASP A 307 -13.47 26.63 7.17
C ASP A 307 -12.12 27.22 6.78
N GLY A 308 -11.38 27.80 7.72
CA GLY A 308 -10.04 28.30 7.46
C GLY A 308 -9.00 27.22 7.26
N TYR A 309 -9.31 25.98 7.62
CA TYR A 309 -8.40 24.87 7.36
C TYR A 309 -8.32 24.63 5.86
N TYR A 310 -7.11 24.68 5.31
CA TYR A 310 -6.92 24.49 3.88
C TYR A 310 -6.00 23.33 3.53
N GLY A 311 -5.65 22.48 4.49
CA GLY A 311 -4.92 21.27 4.17
C GLY A 311 -5.82 20.20 3.57
N ASN A 312 -5.19 19.11 3.16
CA ASN A 312 -5.95 17.96 2.68
C ASN A 312 -6.87 17.46 3.79
N ALA A 313 -8.17 17.38 3.48
CA ALA A 313 -9.18 17.01 4.47
C ALA A 313 -10.13 15.98 3.90
N TYR A 314 -9.59 15.00 3.18
CA TYR A 314 -10.36 13.90 2.63
C TYR A 314 -9.53 12.63 2.73
N ILE A 315 -10.20 11.50 2.70
CA ILE A 315 -9.54 10.20 2.61
C ILE A 315 -10.11 9.44 1.43
N ASP A 316 -9.26 8.63 0.81
CA ASP A 316 -9.66 7.82 -0.33
C ASP A 316 -10.25 6.50 0.16
N MET A 317 -11.46 6.20 -0.29
CA MET A 317 -12.08 4.91 -0.09
C MET A 317 -11.91 4.08 -1.36
N TYR A 318 -11.86 2.76 -1.20
CA TYR A 318 -11.61 1.87 -2.32
C TYR A 318 -12.62 0.74 -2.34
N VAL A 319 -13.25 0.54 -3.49
CA VAL A 319 -14.21 -0.54 -3.72
C VAL A 319 -13.52 -1.59 -4.58
N PRO A 320 -13.18 -2.76 -4.04
CA PRO A 320 -12.59 -3.82 -4.88
C PRO A 320 -13.66 -4.73 -5.48
N LEU A 321 -13.55 -4.99 -6.77
CA LEU A 321 -14.34 -6.01 -7.44
C LEU A 321 -13.46 -6.68 -8.47
N THR A 322 -13.84 -7.89 -8.86
CA THR A 322 -13.23 -8.48 -10.05
C THR A 322 -13.73 -7.74 -11.28
N ALA A 323 -12.88 -7.67 -12.31
CA ALA A 323 -13.31 -7.07 -13.57
C ALA A 323 -14.53 -7.77 -14.12
N ARG A 324 -14.68 -9.08 -13.86
CA ARG A 324 -15.91 -9.77 -14.21
C ARG A 324 -17.08 -9.22 -13.43
N GLU A 325 -16.90 -8.98 -12.13
CA GLU A 325 -17.99 -8.46 -11.31
C GLU A 325 -18.42 -7.09 -11.78
N VAL A 326 -17.47 -6.20 -12.06
CA VAL A 326 -17.79 -4.87 -12.55
C VAL A 326 -18.53 -4.96 -13.88
N GLU A 327 -18.13 -5.90 -14.74
CA GLU A 327 -18.76 -6.01 -16.05
C GLU A 327 -20.13 -6.65 -15.96
N GLU A 328 -20.38 -7.46 -14.93
CA GLU A 328 -21.64 -8.19 -14.82
C GLU A 328 -22.62 -7.58 -13.82
N PHE A 329 -22.14 -6.82 -12.84
CA PHE A 329 -23.03 -6.23 -11.85
C PHE A 329 -23.94 -5.17 -12.50
N THR A 330 -25.13 -5.02 -11.93
CA THR A 330 -25.97 -3.89 -12.29
C THR A 330 -25.37 -2.60 -11.75
N ILE A 331 -25.80 -1.47 -12.32
CA ILE A 331 -25.37 -0.18 -11.82
C ILE A 331 -25.80 -0.02 -10.36
N SER A 332 -27.00 -0.48 -10.01
CA SER A 332 -27.46 -0.38 -8.63
C SER A 332 -26.60 -1.20 -7.70
N ASP A 333 -26.13 -2.37 -8.15
CA ASP A 333 -25.24 -3.18 -7.32
C ASP A 333 -23.97 -2.44 -6.97
N ILE A 334 -23.42 -1.69 -7.92
CA ILE A 334 -22.18 -0.96 -7.67
C ILE A 334 -22.44 0.27 -6.80
N VAL A 335 -23.58 0.95 -7.02
CA VAL A 335 -23.93 2.11 -6.20
C VAL A 335 -24.06 1.70 -4.74
N LYS A 336 -24.63 0.51 -4.49
CA LYS A 336 -24.67 -0.03 -3.13
C LYS A 336 -23.28 -0.04 -2.50
N LEU A 337 -22.30 -0.62 -3.21
CA LEU A 337 -20.94 -0.67 -2.69
C LEU A 337 -20.35 0.72 -2.53
N ILE A 338 -20.62 1.61 -3.49
CA ILE A 338 -20.11 2.98 -3.39
C ILE A 338 -20.71 3.68 -2.18
N LYS A 339 -22.01 3.49 -1.95
CA LYS A 339 -22.65 4.09 -0.78
C LYS A 339 -22.06 3.55 0.51
N GLU A 340 -21.80 2.24 0.57
CA GLU A 340 -21.19 1.67 1.76
C GLU A 340 -19.77 2.15 1.96
N ALA A 341 -19.03 2.40 0.86
CA ALA A 341 -17.69 2.94 1.00
C ALA A 341 -17.71 4.33 1.64
N LYS A 342 -18.73 5.13 1.32
CA LYS A 342 -18.80 6.48 1.89
C LYS A 342 -19.25 6.44 3.34
N ARG A 343 -20.11 5.48 3.70
CA ARG A 343 -20.53 5.36 5.10
C ARG A 343 -19.35 5.01 5.99
N ASN A 344 -18.47 4.10 5.54
CA ASN A 344 -17.31 3.73 6.33
C ASN A 344 -16.34 4.89 6.50
N ALA A 345 -16.28 5.79 5.51
CA ALA A 345 -15.41 6.96 5.63
C ALA A 345 -15.84 7.87 6.78
N HIS A 346 -17.10 7.82 7.19
CA HIS A 346 -17.63 8.72 8.20
C HIS A 346 -17.49 8.19 9.62
N ASP A 347 -16.65 7.18 9.82
CA ASP A 347 -16.37 6.66 11.16
C ASP A 347 -14.99 7.13 11.59
N LYS A 348 -14.92 7.76 12.77
CA LYS A 348 -13.66 8.34 13.23
C LYS A 348 -12.58 7.28 13.38
N ASP A 349 -12.94 6.10 13.87
CA ASP A 349 -11.94 5.06 14.10
C ASP A 349 -11.40 4.50 12.79
N TYR A 350 -12.20 4.50 11.72
CA TYR A 350 -11.65 4.13 10.42
C TYR A 350 -10.69 5.18 9.92
N LEU A 351 -11.02 6.46 10.11
CA LEU A 351 -10.15 7.54 9.64
C LEU A 351 -8.75 7.40 10.22
N GLN A 352 -8.64 7.05 11.51
CA GLN A 352 -7.32 6.95 12.12
C GLN A 352 -6.55 5.75 11.57
N GLU A 353 -7.23 4.69 11.15
CA GLU A 353 -6.48 3.59 10.56
C GLU A 353 -6.15 3.84 9.10
N GLU A 354 -6.93 4.69 8.41
CA GLU A 354 -6.46 5.21 7.12
C GLU A 354 -5.20 6.03 7.31
N LEU A 355 -5.19 6.93 8.29
CA LEU A 355 -4.02 7.74 8.57
C LEU A 355 -2.81 6.86 8.87
N ALA A 356 -2.99 5.85 9.71
CA ALA A 356 -1.90 4.94 10.04
C ALA A 356 -1.36 4.25 8.80
N ASN A 357 -2.24 3.81 7.90
CA ASN A 357 -1.80 3.13 6.69
C ASN A 357 -0.95 4.05 5.83
N THR A 358 -1.35 5.32 5.70
CA THR A 358 -0.55 6.29 4.96
C THR A 358 0.83 6.44 5.58
N GLU A 359 0.88 6.58 6.91
CA GLU A 359 2.16 6.75 7.60
C GLU A 359 3.07 5.56 7.38
N LYS A 360 2.51 4.34 7.38
CA LYS A 360 3.33 3.16 7.11
C LYS A 360 3.91 3.20 5.70
N ILE A 361 3.11 3.64 4.72
CA ILE A 361 3.60 3.79 3.36
C ILE A 361 4.76 4.78 3.32
N ILE A 362 4.66 5.87 4.08
CA ILE A 362 5.70 6.89 4.11
C ILE A 362 6.98 6.31 4.72
N LYS A 363 6.85 5.67 5.88
CA LYS A 363 8.01 5.20 6.63
C LYS A 363 8.79 4.12 5.87
N MET A 364 8.17 3.39 4.95
CA MET A 364 8.84 2.28 4.29
C MET A 364 9.31 2.58 2.88
N ASN A 365 8.79 3.65 2.26
CA ASN A 365 9.23 4.08 0.93
C ASN A 365 9.13 2.96 -0.11
N LYS A 371 1.68 -1.88 -13.54
CA LYS A 371 1.68 -1.64 -12.10
C LYS A 371 0.26 -1.54 -11.53
N LYS A 372 -0.58 -0.66 -12.13
CA LYS A 372 -1.90 -0.33 -11.60
C LYS A 372 -2.88 -0.08 -12.77
N ASP A 373 -3.31 -1.17 -13.40
CA ASP A 373 -3.82 -1.06 -14.77
C ASP A 373 -5.24 -0.48 -14.87
N GLY A 374 -6.23 -0.96 -14.10
CA GLY A 374 -6.13 -1.74 -12.89
C GLY A 374 -6.26 -1.04 -11.54
N LEU A 375 -6.71 0.20 -11.58
CA LEU A 375 -6.92 1.02 -10.40
C LEU A 375 -7.61 2.19 -11.11
N PHE A 376 -8.72 2.64 -10.53
CA PHE A 376 -9.54 3.71 -11.11
C PHE A 376 -9.99 4.65 -10.00
N CYS A 377 -9.57 5.91 -10.09
CA CYS A 377 -9.86 6.91 -9.06
C CYS A 377 -10.73 8.01 -9.65
N LEU A 378 -11.86 8.26 -9.00
CA LEU A 378 -12.75 9.35 -9.38
C LEU A 378 -12.42 10.60 -8.56
N THR A 379 -12.36 11.74 -9.22
CA THR A 379 -12.11 13.01 -8.55
C THR A 379 -13.24 13.97 -8.89
N ASP A 380 -13.61 14.79 -7.92
CA ASP A 380 -14.77 15.67 -8.02
C ASP A 380 -14.32 17.11 -7.81
N TRP A 381 -14.43 17.92 -8.86
CA TRP A 381 -14.10 19.34 -8.78
C TRP A 381 -15.25 20.21 -9.29
N ARG A 382 -16.48 19.69 -9.27
CA ARG A 382 -17.64 20.51 -9.61
C ARG A 382 -17.75 21.74 -8.73
N ASN A 383 -17.26 21.64 -7.49
CA ASN A 383 -17.40 22.71 -6.50
C ASN A 383 -16.26 23.72 -6.57
N ILE A 384 -15.48 23.74 -7.65
CA ILE A 384 -14.30 24.61 -7.70
C ILE A 384 -14.69 26.07 -7.60
N GLY A 385 -15.86 26.44 -8.10
CA GLY A 385 -16.26 27.84 -8.17
C GLY A 385 -17.31 28.29 -7.19
N ILE A 386 -17.64 27.48 -6.18
CA ILE A 386 -18.77 27.78 -5.29
C ILE A 386 -18.36 28.46 -3.99
N PHE A 387 -17.07 28.50 -3.67
CA PHE A 387 -16.62 28.90 -2.34
C PHE A 387 -16.48 30.41 -2.17
N GLY A 388 -17.00 31.19 -3.09
CA GLY A 388 -16.92 32.63 -3.00
C GLY A 388 -16.89 33.25 -4.38
N SER A 389 -16.90 34.57 -4.39
CA SER A 389 -16.89 35.33 -5.63
C SER A 389 -15.47 35.56 -6.11
N MET A 390 -15.27 35.46 -7.42
CA MET A 390 -13.99 35.76 -8.04
C MET A 390 -14.02 37.08 -8.80
N ASP A 391 -15.05 37.90 -8.59
CA ASP A 391 -15.17 39.18 -9.28
C ASP A 391 -14.27 40.20 -8.60
N PHE A 392 -13.36 40.79 -9.37
CA PHE A 392 -12.55 41.90 -8.88
C PHE A 392 -12.46 43.01 -9.92
N GLY A 393 -13.46 43.10 -10.79
CA GLY A 393 -13.51 44.15 -11.78
C GLY A 393 -13.96 43.68 -13.15
N TRP A 394 -13.74 42.40 -13.43
CA TRP A 394 -14.02 41.82 -14.75
C TRP A 394 -15.13 40.77 -14.69
N ASP A 395 -16.04 40.90 -13.72
CA ASP A 395 -17.11 39.93 -13.46
C ASP A 395 -17.53 38.48 -13.36
N GLU A 396 -16.64 37.63 -12.84
CA GLU A 396 -16.97 36.35 -12.26
C GLU A 396 -16.35 35.73 -13.51
N PRO A 397 -15.45 34.76 -13.35
CA PRO A 397 -14.87 34.12 -14.52
C PRO A 397 -15.94 33.46 -15.37
N VAL A 398 -15.81 33.61 -16.69
CA VAL A 398 -16.75 32.98 -17.61
C VAL A 398 -16.53 31.49 -17.72
N ASN A 399 -15.42 30.97 -17.20
CA ASN A 399 -15.15 29.54 -17.18
C ASN A 399 -14.03 29.27 -16.18
N ILE A 400 -14.17 28.17 -15.45
CA ILE A 400 -13.12 27.65 -14.58
C ILE A 400 -12.78 26.26 -15.07
N VAL A 401 -11.55 26.06 -15.52
CA VAL A 401 -11.13 24.78 -16.08
C VAL A 401 -10.05 24.20 -15.16
N PRO A 402 -10.37 23.20 -14.34
CA PRO A 402 -9.32 22.45 -13.66
C PRO A 402 -8.64 21.50 -14.64
N VAL A 403 -7.32 21.35 -14.47
CA VAL A 403 -6.50 20.54 -15.36
C VAL A 403 -5.88 19.42 -14.54
N VAL A 404 -6.09 18.19 -14.97
CA VAL A 404 -5.68 17.03 -14.19
C VAL A 404 -4.16 16.96 -14.16
N PRO A 405 -3.53 16.69 -13.02
CA PRO A 405 -2.08 16.52 -12.98
C PRO A 405 -1.63 15.44 -13.96
N SER A 406 -0.58 15.75 -14.72
CA SER A 406 0.01 14.76 -15.61
C SER A 406 0.42 13.51 -14.85
N GLU A 407 0.77 13.67 -13.56
CA GLU A 407 1.26 12.55 -12.77
C GLU A 407 0.18 11.50 -12.52
N THR A 408 -1.10 11.90 -12.51
CA THR A 408 -2.18 11.00 -12.14
C THR A 408 -3.24 10.78 -13.21
N ALA A 409 -3.15 11.46 -14.35
CA ALA A 409 -4.28 11.55 -15.29
C ALA A 409 -4.69 10.19 -15.83
N ARG A 410 -3.73 9.27 -15.99
CA ARG A 410 -4.05 7.96 -16.55
C ARG A 410 -4.87 7.11 -15.60
N THR A 411 -4.86 7.44 -14.31
CA THR A 411 -5.61 6.73 -13.28
C THR A 411 -6.93 7.41 -12.95
N VAL A 412 -7.12 8.66 -13.38
CA VAL A 412 -8.14 9.54 -12.82
C VAL A 412 -9.18 9.87 -13.88
N ASN A 413 -10.44 9.87 -13.46
CA ASN A 413 -11.51 10.57 -14.17
C ASN A 413 -12.01 11.68 -13.26
N MET A 414 -12.11 12.90 -13.80
CA MET A 414 -12.44 14.08 -13.02
C MET A 414 -13.81 14.61 -13.41
N PHE A 415 -14.69 14.75 -12.43
CA PHE A 415 -15.96 15.44 -12.61
C PHE A 415 -15.73 16.95 -12.54
N MET A 416 -16.22 17.68 -13.53
CA MET A 416 -16.14 19.14 -13.50
C MET A 416 -17.43 19.72 -14.05
N ARG A 417 -17.68 20.99 -13.69
CA ARG A 417 -18.85 21.71 -14.19
C ARG A 417 -18.53 22.46 -15.47
N PRO A 418 -19.50 22.59 -16.36
CA PRO A 418 -19.29 23.34 -17.60
C PRO A 418 -19.15 24.83 -17.33
N SER A 419 -18.75 25.55 -18.38
CA SER A 419 -18.77 27.01 -18.36
C SER A 419 -20.15 27.52 -17.99
N ARG A 420 -20.18 28.64 -17.27
CA ARG A 420 -21.48 29.24 -16.94
C ARG A 420 -22.12 29.93 -18.14
N LEU A 421 -21.44 29.97 -19.29
CA LEU A 421 -22.02 30.48 -20.52
C LEU A 421 -22.62 29.39 -21.39
N GLU A 422 -22.42 28.12 -21.03
CA GLU A 422 -22.93 26.99 -21.82
C GLU A 422 -24.34 26.68 -21.31
N SER A 423 -25.33 27.39 -21.88
CA SER A 423 -26.70 27.29 -21.38
C SER A 423 -27.30 25.91 -21.65
N ASP A 424 -26.84 25.22 -22.70
CA ASP A 424 -27.37 23.90 -23.01
C ASP A 424 -26.75 22.79 -22.17
N MET A 425 -25.84 23.12 -21.26
CA MET A 425 -25.23 22.13 -20.38
C MET A 425 -25.47 22.44 -18.91
N VAL A 426 -26.37 23.38 -18.60
CA VAL A 426 -26.77 23.65 -17.24
C VAL A 426 -27.30 22.36 -16.62
N GLY A 427 -26.78 22.02 -15.44
CA GLY A 427 -27.13 20.77 -14.80
C GLY A 427 -26.41 19.55 -15.33
N GLY A 428 -25.52 19.72 -16.32
CA GLY A 428 -24.74 18.61 -16.82
C GLY A 428 -23.41 18.48 -16.08
N VAL A 429 -22.70 17.40 -16.39
CA VAL A 429 -21.40 17.10 -15.79
C VAL A 429 -20.43 16.74 -16.90
N GLN A 430 -19.20 17.23 -16.79
CA GLN A 430 -18.13 16.90 -17.72
C GLN A 430 -17.09 16.04 -17.01
N ILE A 431 -16.57 15.04 -17.74
CA ILE A 431 -15.64 14.07 -17.17
C ILE A 431 -14.40 14.04 -18.05
N VAL A 432 -13.25 14.33 -17.44
CA VAL A 432 -11.97 14.33 -18.14
C VAL A 432 -11.38 12.92 -18.04
N VAL A 433 -11.28 12.24 -19.18
CA VAL A 433 -10.89 10.85 -19.24
C VAL A 433 -9.58 10.74 -20.01
N THR A 434 -8.67 9.91 -19.50
CA THR A 434 -7.37 9.67 -20.14
C THR A 434 -7.18 8.17 -20.30
N LEU A 435 -7.01 7.73 -21.54
CA LEU A 435 -7.00 6.31 -21.86
C LEU A 435 -6.09 6.08 -23.06
N PRO A 436 -5.66 4.83 -23.29
CA PRO A 436 -5.04 4.51 -24.58
C PRO A 436 -6.01 4.80 -25.71
N ARG A 437 -5.46 5.23 -26.85
CA ARG A 437 -6.30 5.62 -27.98
C ARG A 437 -7.28 4.52 -28.36
N ILE A 438 -6.81 3.27 -28.33
CA ILE A 438 -7.68 2.13 -28.63
C ILE A 438 -8.83 2.07 -27.62
N ALA A 439 -8.49 2.05 -26.33
CA ALA A 439 -9.51 1.93 -25.30
C ALA A 439 -10.45 3.14 -25.30
N MET A 440 -9.91 4.33 -25.58
CA MET A 440 -10.73 5.53 -25.57
C MET A 440 -11.84 5.46 -26.61
N VAL A 441 -11.55 4.86 -27.77
CA VAL A 441 -12.57 4.69 -28.80
C VAL A 441 -13.72 3.84 -28.26
N LYS A 442 -13.39 2.67 -27.71
CA LYS A 442 -14.41 1.81 -27.12
C LYS A 442 -15.03 2.43 -25.87
N PHE A 443 -14.32 3.36 -25.21
CA PHE A 443 -14.90 4.00 -24.03
C PHE A 443 -15.99 5.00 -24.41
N LYS A 444 -15.77 5.76 -25.48
CA LYS A 444 -16.78 6.70 -25.93
C LYS A 444 -18.04 5.99 -26.40
N GLU A 445 -17.88 4.82 -27.02
CA GLU A 445 -19.03 4.08 -27.52
C GLU A 445 -19.89 3.54 -26.38
N GLU A 446 -19.26 3.09 -25.29
CA GLU A 446 -20.03 2.67 -24.13
C GLU A 446 -20.78 3.85 -23.51
N MET A 447 -20.16 5.03 -23.48
CA MET A 447 -20.82 6.22 -22.95
C MET A 447 -21.96 6.69 -23.84
N GLU A 448 -21.95 6.33 -25.13
CA GLU A 448 -23.06 6.68 -26.01
C GLU A 448 -24.38 6.13 -25.50
N ALA A 449 -24.36 4.96 -24.86
CA ALA A 449 -25.55 4.28 -24.35
C ALA A 449 -26.26 5.06 -23.26
N LEU A 450 -25.72 6.18 -22.78
CA LEU A 450 -26.43 7.00 -21.81
C LEU A 450 -27.46 7.93 -22.45
N GLU A 451 -27.50 7.98 -23.78
CA GLU A 451 -28.51 8.76 -24.49
C GLU A 451 -29.06 7.98 -25.68
N ILE B 9 -7.45 -37.07 -11.80
CA ILE B 9 -7.93 -37.79 -10.63
C ILE B 9 -7.19 -39.15 -10.54
N PRO B 10 -6.27 -39.28 -9.56
CA PRO B 10 -5.89 -38.26 -8.58
C PRO B 10 -4.85 -37.27 -9.12
N LEU B 11 -4.50 -36.28 -8.31
CA LEU B 11 -3.49 -35.32 -8.70
C LEU B 11 -2.12 -35.99 -8.74
N MET B 12 -1.42 -35.85 -9.86
CA MET B 12 -0.13 -36.48 -10.08
C MET B 12 0.87 -35.44 -10.57
N VAL B 13 1.94 -35.23 -9.80
CA VAL B 13 3.03 -34.36 -10.20
C VAL B 13 4.24 -35.23 -10.49
N GLU B 14 4.83 -35.03 -11.68
CA GLU B 14 5.95 -35.83 -12.14
C GLU B 14 7.15 -34.90 -12.33
N LYS B 15 8.23 -35.16 -11.59
CA LYS B 15 9.46 -34.40 -11.75
C LYS B 15 10.17 -34.86 -13.02
N MET B 16 10.53 -33.90 -13.88
CA MET B 16 11.20 -34.16 -15.15
C MET B 16 12.72 -34.10 -15.05
N LEU B 17 13.26 -33.09 -14.38
CA LEU B 17 14.70 -33.01 -14.21
C LEU B 17 15.02 -32.15 -13.01
N THR B 18 16.17 -32.45 -12.42
CA THR B 18 16.81 -31.60 -11.41
C THR B 18 18.25 -31.43 -11.80
N GLU B 19 18.65 -30.19 -12.07
CA GLU B 19 20.06 -29.85 -12.26
C GLU B 19 20.48 -28.87 -11.19
N MET B 20 21.77 -28.89 -10.85
CA MET B 20 22.34 -27.93 -9.92
C MET B 20 22.70 -26.67 -10.71
N VAL B 21 21.95 -25.60 -10.47
CA VAL B 21 22.19 -24.34 -11.17
C VAL B 21 23.32 -23.60 -10.46
N LYS B 22 24.38 -23.32 -11.19
CA LYS B 22 25.56 -22.66 -10.68
C LYS B 22 25.56 -21.20 -11.09
N PRO B 23 26.28 -20.34 -10.37
CA PRO B 23 26.31 -18.92 -10.73
C PRO B 23 26.90 -18.71 -12.12
N SER B 24 26.28 -17.81 -12.88
CA SER B 24 26.79 -17.39 -14.18
C SER B 24 28.03 -16.50 -14.07
N LYS B 25 28.54 -16.35 -12.86
CA LYS B 25 29.61 -15.43 -12.51
C LYS B 25 30.57 -16.17 -11.60
N HIS B 26 31.84 -15.75 -11.58
CA HIS B 26 32.74 -16.33 -10.60
C HIS B 26 32.36 -15.84 -9.21
N ILE B 27 32.36 -16.77 -8.26
CA ILE B 27 31.98 -16.44 -6.88
C ILE B 27 33.14 -16.77 -5.96
N PRO B 28 33.28 -16.10 -4.82
CA PRO B 28 34.38 -16.41 -3.91
C PRO B 28 34.21 -17.79 -3.28
N GLN B 29 35.34 -18.38 -2.94
CA GLN B 29 35.38 -19.66 -2.22
C GLN B 29 35.64 -19.35 -0.76
N GLN B 30 34.58 -19.34 0.06
CA GLN B 30 34.69 -18.97 1.45
C GLN B 30 33.87 -19.91 2.33
N THR B 31 34.20 -19.92 3.61
CA THR B 31 33.44 -20.59 4.66
C THR B 31 32.94 -19.50 5.60
N LEU B 32 31.67 -19.12 5.45
CA LEU B 32 31.12 -17.97 6.14
C LEU B 32 30.51 -18.35 7.48
N ASN B 33 30.69 -17.49 8.48
CA ASN B 33 29.97 -17.62 9.73
C ASN B 33 28.57 -17.03 9.58
N LEU B 34 27.70 -17.40 10.53
CA LEU B 34 26.34 -16.89 10.56
C LEU B 34 26.15 -16.06 11.83
N SER B 35 25.05 -15.33 11.87
CA SER B 35 24.76 -14.50 13.03
C SER B 35 24.30 -15.37 14.20
N THR B 36 24.14 -14.73 15.36
CA THR B 36 23.59 -15.44 16.51
C THR B 36 22.14 -15.81 16.27
N LEU B 37 21.37 -14.93 15.62
CA LEU B 37 20.00 -15.26 15.28
C LEU B 37 19.93 -16.41 14.30
N ASP B 38 20.84 -16.44 13.32
CA ASP B 38 20.85 -17.53 12.34
C ASP B 38 21.23 -18.86 13.00
N ASN B 39 22.13 -18.83 13.98
CA ASN B 39 22.63 -20.07 14.57
C ASN B 39 21.68 -20.69 15.59
N ASP B 40 20.65 -19.97 16.00
CA ASP B 40 19.61 -20.50 16.88
C ASP B 40 19.09 -21.84 16.32
N PRO B 41 19.25 -22.94 17.05
CA PRO B 41 18.77 -24.23 16.52
C PRO B 41 17.27 -24.27 16.30
N TYR B 42 16.49 -23.50 17.06
CA TYR B 42 15.06 -23.41 16.79
C TYR B 42 14.76 -22.82 15.42
N ASN B 43 15.74 -22.17 14.79
CA ASN B 43 15.57 -21.56 13.49
C ASN B 43 15.94 -22.48 12.34
N GLU B 44 16.47 -23.67 12.61
CA GLU B 44 16.83 -24.61 11.53
C GLU B 44 15.56 -25.34 11.07
N VAL B 45 14.72 -24.58 10.36
CA VAL B 45 13.53 -25.10 9.70
C VAL B 45 13.55 -24.60 8.27
N ILE B 46 12.75 -25.23 7.43
CA ILE B 46 12.75 -24.94 5.99
C ILE B 46 11.47 -24.16 5.67
N TYR B 47 11.63 -22.88 5.36
CA TYR B 47 10.52 -22.08 4.85
C TYR B 47 10.15 -22.57 3.46
N LYS B 48 8.84 -22.55 3.16
CA LYS B 48 8.35 -22.98 1.85
C LYS B 48 7.21 -22.08 1.42
N ALA B 49 7.08 -21.90 0.10
CA ALA B 49 6.03 -21.05 -0.45
C ALA B 49 5.81 -21.42 -1.91
N CYS B 50 4.55 -21.35 -2.33
CA CYS B 50 4.16 -21.58 -3.72
C CYS B 50 3.71 -20.26 -4.33
N TYR B 51 4.34 -19.89 -5.45
CA TYR B 51 3.94 -18.71 -6.21
C TYR B 51 3.23 -19.20 -7.47
N VAL B 52 1.94 -18.90 -7.57
CA VAL B 52 1.10 -19.40 -8.66
C VAL B 52 1.04 -18.37 -9.77
N PHE B 53 1.36 -18.79 -10.98
CA PHE B 53 1.25 -17.94 -12.16
C PHE B 53 0.28 -18.57 -13.15
N LYS B 54 -0.59 -17.76 -13.71
CA LYS B 54 -1.50 -18.23 -14.74
C LYS B 54 -0.86 -18.13 -16.11
N ALA B 55 -1.47 -18.82 -17.07
CA ALA B 55 -0.93 -18.91 -18.42
C ALA B 55 -0.92 -17.55 -19.10
N LYS B 56 0.07 -17.34 -19.97
CA LYS B 56 0.05 -16.19 -20.85
C LYS B 56 -1.13 -16.29 -21.83
N ASN B 57 -1.43 -15.18 -22.49
CA ASN B 57 -2.54 -15.17 -23.44
C ASN B 57 -2.17 -15.85 -24.74
N ASN B 63 7.83 -25.05 -20.82
CA ASN B 63 7.86 -24.24 -22.04
C ASN B 63 8.90 -23.13 -21.92
N ARG B 64 8.43 -21.92 -21.71
CA ARG B 64 9.25 -20.71 -21.62
C ARG B 64 9.61 -20.33 -20.18
N PRO B 65 8.68 -20.35 -19.21
CA PRO B 65 9.02 -19.78 -17.91
C PRO B 65 10.09 -20.56 -17.15
N GLU B 66 10.08 -21.89 -17.25
CA GLU B 66 11.09 -22.71 -16.60
C GLU B 66 12.50 -22.31 -17.03
N ALA B 67 12.71 -22.14 -18.33
CA ALA B 67 14.03 -21.78 -18.82
C ALA B 67 14.43 -20.38 -18.37
N LEU B 68 13.48 -19.44 -18.35
CA LEU B 68 13.80 -18.08 -17.94
C LEU B 68 14.17 -17.98 -16.48
N LEU B 69 13.55 -18.79 -15.62
CA LEU B 69 13.89 -18.76 -14.20
C LEU B 69 15.21 -19.46 -13.93
N ARG B 70 15.59 -20.45 -14.73
CA ARG B 70 16.89 -21.07 -14.58
C ARG B 70 18.01 -20.06 -14.87
N GLU B 71 17.87 -19.30 -15.95
CA GLU B 71 18.84 -18.25 -16.24
C GLU B 71 18.85 -17.21 -15.13
N ALA B 72 17.65 -16.79 -14.69
CA ALA B 72 17.56 -15.79 -13.63
C ALA B 72 18.23 -16.28 -12.36
N LEU B 73 17.94 -17.52 -11.96
CA LEU B 73 18.57 -18.08 -10.77
C LEU B 73 20.09 -18.10 -10.92
N SER B 74 20.59 -18.44 -12.11
CA SER B 74 22.03 -18.45 -12.34
C SER B 74 22.61 -17.05 -12.17
N ASP B 75 21.90 -16.02 -12.61
CA ASP B 75 22.38 -14.65 -12.44
C ASP B 75 22.23 -14.19 -11.00
N LEU B 76 21.15 -14.62 -10.34
CA LEU B 76 20.94 -14.24 -8.94
C LEU B 76 22.08 -14.74 -8.06
N LEU B 77 22.58 -15.94 -8.34
CA LEU B 77 23.63 -16.52 -7.51
C LEU B 77 24.98 -15.84 -7.68
N GLY B 78 25.11 -14.92 -8.63
CA GLY B 78 26.29 -14.05 -8.64
C GLY B 78 26.24 -13.04 -7.52
N TYR B 79 25.04 -12.70 -7.04
CA TYR B 79 24.85 -11.75 -5.95
C TYR B 79 24.64 -12.47 -4.63
N TYR B 80 23.59 -13.28 -4.52
CA TYR B 80 23.38 -14.11 -3.34
C TYR B 80 24.11 -15.44 -3.47
N TYR B 81 25.42 -15.35 -3.71
CA TYR B 81 26.22 -16.58 -3.87
C TYR B 81 26.27 -17.47 -2.63
N PRO B 82 26.12 -16.98 -1.40
CA PRO B 82 26.01 -17.93 -0.27
C PRO B 82 24.89 -18.94 -0.44
N LEU B 83 23.86 -18.60 -1.22
CA LEU B 83 22.73 -19.51 -1.41
C LEU B 83 23.13 -20.79 -2.13
N SER B 84 24.22 -20.77 -2.90
CA SER B 84 24.70 -21.96 -3.57
C SER B 84 25.61 -22.81 -2.70
N GLY B 85 25.92 -22.35 -1.49
CA GLY B 85 26.81 -23.06 -0.60
C GLY B 85 26.13 -24.22 0.10
N SER B 86 26.86 -24.80 1.05
CA SER B 86 26.37 -25.92 1.84
C SER B 86 26.37 -25.53 3.31
N LEU B 87 25.30 -25.92 4.02
CA LEU B 87 25.14 -25.59 5.43
C LEU B 87 25.50 -26.81 6.27
N LYS B 88 26.38 -26.61 7.25
CA LYS B 88 26.78 -27.66 8.17
C LYS B 88 27.21 -27.02 9.47
N ARG B 89 26.62 -27.45 10.57
CA ARG B 89 26.94 -26.92 11.89
C ARG B 89 27.96 -27.83 12.56
N GLN B 90 29.03 -27.23 13.07
CA GLN B 90 30.08 -27.96 13.76
C GLN B 90 29.51 -28.68 14.96
N GLU B 91 30.22 -29.67 15.49
CA GLU B 91 29.99 -30.08 16.86
C GLU B 91 31.05 -29.54 17.78
N SER B 92 32.05 -28.82 17.24
CA SER B 92 33.00 -28.06 18.05
C SER B 92 32.27 -27.01 18.88
N ASP B 93 31.60 -26.07 18.21
CA ASP B 93 30.94 -24.95 18.86
C ASP B 93 29.46 -24.87 18.56
N ARG B 94 28.86 -25.92 17.99
CA ARG B 94 27.45 -25.96 17.65
C ARG B 94 27.04 -24.84 16.68
N LYS B 95 28.00 -24.20 16.03
CA LYS B 95 27.72 -23.09 15.13
C LYS B 95 27.65 -23.60 13.69
N LEU B 96 26.70 -23.04 12.94
CA LEU B 96 26.58 -23.35 11.52
C LEU B 96 27.66 -22.62 10.74
N GLN B 97 28.19 -23.30 9.72
CA GLN B 97 29.09 -22.69 8.76
C GLN B 97 28.58 -22.97 7.35
N LEU B 98 28.71 -21.99 6.47
CA LEU B 98 28.24 -22.08 5.10
C LEU B 98 29.44 -22.02 4.18
N SER B 99 29.63 -23.08 3.39
CA SER B 99 30.79 -23.21 2.51
C SER B 99 30.34 -23.03 1.06
N CYS B 100 30.84 -21.99 0.42
CA CYS B 100 30.45 -21.62 -0.92
C CYS B 100 31.66 -21.66 -1.86
N GLY B 101 31.37 -21.71 -3.15
CA GLY B 101 32.41 -21.61 -4.15
C GLY B 101 33.29 -22.83 -4.32
N GLY B 102 33.00 -23.91 -3.61
CA GLY B 102 33.72 -25.16 -3.80
C GLY B 102 33.19 -25.95 -4.97
N ASP B 103 33.77 -27.13 -5.16
CA ASP B 103 33.37 -27.99 -6.26
C ASP B 103 31.97 -28.55 -6.02
N GLY B 104 31.15 -28.55 -7.07
CA GLY B 104 29.82 -29.11 -6.99
C GLY B 104 28.77 -28.24 -6.34
N GLY B 105 29.05 -26.96 -6.11
CA GLY B 105 28.08 -26.06 -5.55
C GLY B 105 26.90 -25.83 -6.47
N GLY B 106 25.91 -25.07 -6.01
CA GLY B 106 24.77 -24.72 -6.81
C GLY B 106 23.46 -24.94 -6.09
N VAL B 107 22.40 -24.46 -6.71
CA VAL B 107 21.04 -24.51 -6.17
C VAL B 107 20.26 -25.57 -6.94
N PRO B 108 19.63 -26.53 -6.27
CA PRO B 108 18.78 -27.49 -6.99
C PRO B 108 17.57 -26.80 -7.61
N PHE B 109 17.30 -27.14 -8.86
CA PHE B 109 16.25 -26.50 -9.65
C PHE B 109 15.49 -27.60 -10.36
N THR B 110 14.23 -27.82 -9.96
CA THR B 110 13.43 -28.94 -10.43
C THR B 110 12.32 -28.45 -11.34
N VAL B 111 12.09 -29.16 -12.43
CA VAL B 111 10.98 -28.90 -13.35
C VAL B 111 10.06 -30.11 -13.32
N ALA B 112 8.78 -29.87 -13.03
CA ALA B 112 7.79 -30.92 -12.93
C ALA B 112 6.56 -30.55 -13.75
N THR B 113 5.75 -31.57 -14.07
CA THR B 113 4.50 -31.36 -14.76
C THR B 113 3.36 -31.97 -13.95
N ALA B 114 2.19 -31.34 -14.05
CA ALA B 114 0.99 -31.79 -13.36
C ALA B 114 -0.05 -32.22 -14.38
N ASN B 115 -0.80 -33.27 -14.03
CA ASN B 115 -1.82 -33.84 -14.92
C ASN B 115 -3.17 -33.17 -14.77
N VAL B 116 -3.17 -31.85 -14.59
CA VAL B 116 -4.40 -31.11 -14.32
C VAL B 116 -4.14 -29.65 -14.63
N GLU B 117 -5.20 -28.89 -14.83
CA GLU B 117 -5.06 -27.46 -15.09
C GLU B 117 -5.15 -26.68 -13.79
N LEU B 118 -4.50 -25.51 -13.78
CA LEU B 118 -4.52 -24.64 -12.60
C LEU B 118 -5.94 -24.34 -12.15
N SER B 119 -6.89 -24.32 -13.08
CA SER B 119 -8.27 -23.98 -12.74
C SER B 119 -8.84 -24.93 -11.69
N SER B 120 -8.45 -26.19 -11.71
CA SER B 120 -9.12 -27.21 -10.90
C SER B 120 -8.63 -27.24 -9.46
N LEU B 121 -7.52 -26.59 -9.13
CA LEU B 121 -7.10 -26.41 -7.76
C LEU B 121 -7.46 -25.02 -7.24
N LYS B 122 -8.20 -24.26 -8.04
CA LYS B 122 -8.74 -22.96 -7.65
C LYS B 122 -7.63 -22.02 -7.20
N ASN B 123 -6.50 -22.07 -7.91
CA ASN B 123 -5.32 -21.24 -7.61
C ASN B 123 -4.87 -21.42 -6.17
N LEU B 124 -4.94 -22.66 -5.70
CA LEU B 124 -4.41 -23.08 -4.40
C LEU B 124 -5.10 -22.38 -3.23
N GLU B 125 -6.33 -21.91 -3.42
CA GLU B 125 -6.98 -21.10 -2.39
C GLU B 125 -7.48 -21.94 -1.22
N ASN B 126 -7.71 -23.24 -1.42
CA ASN B 126 -8.05 -24.15 -0.34
C ASN B 126 -7.18 -25.40 -0.40
N ILE B 127 -5.91 -25.25 -0.77
CA ILE B 127 -5.07 -26.43 -0.93
C ILE B 127 -4.77 -27.04 0.43
N ASP B 128 -4.89 -28.36 0.51
CA ASP B 128 -4.35 -29.08 1.64
C ASP B 128 -2.82 -28.96 1.64
N SER B 129 -2.26 -28.85 2.85
CA SER B 129 -0.83 -28.60 2.98
C SER B 129 0.01 -29.77 2.49
N ASP B 130 -0.49 -31.00 2.62
CA ASP B 130 0.21 -32.14 2.05
C ASP B 130 0.16 -32.12 0.53
N THR B 131 -0.99 -31.78 -0.04
CA THR B 131 -1.10 -31.58 -1.48
C THR B 131 -0.09 -30.54 -1.96
N ALA B 132 0.04 -29.44 -1.20
CA ALA B 132 0.92 -28.35 -1.62
C ALA B 132 2.38 -28.77 -1.63
N LEU B 133 2.75 -29.77 -0.83
CA LEU B 133 4.13 -30.25 -0.84
C LEU B 133 4.50 -30.87 -2.18
N ASN B 134 3.51 -31.29 -2.98
CA ASN B 134 3.79 -31.81 -4.31
C ASN B 134 4.46 -30.79 -5.22
N PHE B 135 4.37 -29.50 -4.88
CA PHE B 135 4.90 -28.43 -5.71
C PHE B 135 6.18 -27.82 -5.15
N LEU B 136 6.62 -28.26 -3.99
CA LEU B 136 7.75 -27.68 -3.29
C LEU B 136 8.94 -28.62 -3.35
N PRO B 137 10.13 -28.10 -3.63
CA PRO B 137 11.32 -28.96 -3.66
C PRO B 137 11.74 -29.38 -2.26
N VAL B 138 12.45 -30.49 -2.20
CA VAL B 138 13.15 -30.88 -1.00
C VAL B 138 14.53 -30.22 -1.03
N LEU B 139 15.13 -30.08 0.14
CA LEU B 139 16.47 -29.49 0.20
C LEU B 139 17.52 -30.57 -0.03
N HIS B 140 18.53 -30.23 -0.82
CA HIS B 140 19.55 -31.17 -1.25
C HIS B 140 20.50 -31.47 -0.10
N VAL B 141 20.55 -32.74 0.34
CA VAL B 141 21.40 -33.16 1.45
C VAL B 141 22.60 -33.92 0.90
N ASP B 142 23.73 -33.80 1.59
CA ASP B 142 24.97 -34.38 1.11
C ASP B 142 25.92 -34.53 2.29
N ILE B 143 27.09 -35.13 2.00
CA ILE B 143 28.11 -35.29 3.03
C ILE B 143 28.55 -33.94 3.58
N ASP B 144 28.49 -32.90 2.75
CA ASP B 144 28.89 -31.55 3.16
C ASP B 144 27.73 -30.73 3.73
N GLY B 145 26.60 -31.37 4.02
CA GLY B 145 25.48 -30.66 4.58
C GLY B 145 24.32 -30.55 3.61
N TYR B 146 23.62 -29.41 3.63
CA TYR B 146 22.49 -29.18 2.74
C TYR B 146 22.58 -27.80 2.12
N ARG B 147 22.02 -27.67 0.91
CA ARG B 147 21.90 -26.33 0.36
C ARG B 147 20.73 -25.61 1.03
N PRO B 148 20.86 -24.30 1.28
CA PRO B 148 19.78 -23.58 1.96
C PRO B 148 18.62 -23.19 1.06
N PHE B 149 18.71 -23.42 -0.26
CA PHE B 149 17.79 -22.82 -1.21
C PHE B 149 17.52 -23.79 -2.35
N ALA B 150 16.26 -23.92 -2.75
CA ALA B 150 15.88 -24.79 -3.86
C ALA B 150 14.61 -24.25 -4.50
N LEU B 151 14.46 -24.54 -5.80
CA LEU B 151 13.34 -24.05 -6.59
C LEU B 151 12.71 -25.20 -7.36
N GLN B 152 11.39 -25.13 -7.54
CA GLN B 152 10.67 -26.06 -8.38
C GLN B 152 9.65 -25.30 -9.21
N VAL B 153 9.67 -25.52 -10.53
CA VAL B 153 8.65 -25.00 -11.42
C VAL B 153 7.81 -26.19 -11.87
N THR B 154 6.55 -26.20 -11.46
CA THR B 154 5.61 -27.23 -11.87
C THR B 154 4.71 -26.66 -12.97
N LYS B 155 4.82 -27.23 -14.17
CA LYS B 155 4.05 -26.78 -15.32
C LYS B 155 2.70 -27.49 -15.35
N PHE B 156 1.64 -26.73 -15.63
CA PHE B 156 0.30 -27.26 -15.67
C PHE B 156 -0.21 -27.32 -17.12
N GLU B 157 -1.19 -28.20 -17.33
CA GLU B 157 -1.75 -28.38 -18.67
C GLU B 157 -2.36 -27.09 -19.21
N CYS B 158 -2.84 -26.22 -18.31
CA CYS B 158 -3.39 -24.94 -18.73
C CYS B 158 -2.34 -24.10 -19.44
N GLY B 159 -1.09 -24.17 -18.99
CA GLY B 159 -0.05 -23.27 -19.41
C GLY B 159 0.53 -22.43 -18.29
N GLY B 160 -0.20 -22.29 -17.18
CA GLY B 160 0.35 -21.66 -16.00
C GLY B 160 1.30 -22.60 -15.28
N PHE B 161 1.85 -22.11 -14.17
CA PHE B 161 2.87 -22.85 -13.47
C PHE B 161 2.97 -22.36 -12.03
N ILE B 162 3.40 -23.26 -11.15
CA ILE B 162 3.65 -22.93 -9.75
C ILE B 162 5.15 -22.81 -9.56
N LEU B 163 5.59 -21.67 -9.06
CA LEU B 163 6.99 -21.50 -8.62
C LEU B 163 7.04 -21.86 -7.15
N GLY B 164 7.55 -23.05 -6.84
CA GLY B 164 7.75 -23.49 -5.48
C GLY B 164 9.19 -23.25 -5.05
N MET B 165 9.37 -22.79 -3.83
CA MET B 165 10.70 -22.51 -3.29
C MET B 165 10.81 -23.09 -1.89
N ALA B 166 12.04 -23.45 -1.52
CA ALA B 166 12.37 -23.93 -0.19
C ALA B 166 13.60 -23.18 0.29
N MET B 167 13.56 -22.75 1.54
CA MET B 167 14.54 -21.79 2.06
C MET B 167 14.79 -22.08 3.53
N SER B 168 16.03 -22.42 3.86
CA SER B 168 16.37 -22.66 5.26
C SER B 168 16.27 -21.36 6.04
N HIS B 169 15.52 -21.41 7.14
CA HIS B 169 15.33 -20.23 7.98
C HIS B 169 16.65 -19.81 8.62
N ALA B 170 17.58 -20.74 8.81
CA ALA B 170 18.92 -20.37 9.25
C ALA B 170 19.56 -19.36 8.31
N MET B 171 19.17 -19.37 7.04
CA MET B 171 19.76 -18.47 6.07
C MET B 171 19.08 -17.10 6.07
N CYS B 172 17.75 -17.07 6.10
CA CYS B 172 17.03 -15.81 5.99
C CYS B 172 15.79 -15.81 6.89
N ASP B 173 15.27 -14.62 7.15
CA ASP B 173 13.90 -14.46 7.63
C ASP B 173 13.02 -14.09 6.45
N GLY B 174 11.76 -13.73 6.73
CA GLY B 174 10.83 -13.41 5.65
C GLY B 174 11.21 -12.17 4.87
N TYR B 175 11.89 -11.23 5.52
CA TYR B 175 12.37 -10.03 4.83
C TYR B 175 13.40 -10.39 3.78
N GLY B 176 14.39 -11.22 4.14
CA GLY B 176 15.37 -11.66 3.16
C GLY B 176 14.77 -12.56 2.11
N GLU B 177 13.85 -13.45 2.52
CA GLU B 177 13.17 -14.31 1.56
C GLU B 177 12.44 -13.50 0.50
N GLY B 178 11.77 -12.41 0.92
CA GLY B 178 11.05 -11.59 -0.03
C GLY B 178 11.97 -10.86 -1.00
N HIS B 179 13.12 -10.40 -0.50
CA HIS B 179 14.06 -9.68 -1.37
C HIS B 179 14.72 -10.62 -2.36
N ILE B 180 14.95 -11.88 -1.98
CA ILE B 180 15.57 -12.84 -2.88
C ILE B 180 14.61 -13.19 -4.01
N MET B 181 13.37 -13.56 -3.66
CA MET B 181 12.38 -13.92 -4.67
C MET B 181 12.11 -12.76 -5.62
N CYS B 182 12.06 -11.53 -5.09
CA CYS B 182 11.84 -10.37 -5.95
C CYS B 182 13.05 -10.09 -6.83
N ALA B 183 14.26 -10.31 -6.30
CA ALA B 183 15.45 -10.19 -7.12
C ALA B 183 15.46 -11.25 -8.22
N LEU B 184 14.92 -12.44 -7.91
CA LEU B 184 14.89 -13.51 -8.90
C LEU B 184 13.98 -13.15 -10.07
N THR B 185 12.83 -12.54 -9.79
CA THR B 185 11.91 -12.19 -10.85
C THR B 185 12.28 -10.87 -11.53
N ASP B 186 12.90 -9.94 -10.79
CA ASP B 186 13.53 -8.78 -11.42
C ASP B 186 14.47 -9.24 -12.53
N LEU B 187 15.36 -10.18 -12.21
CA LEU B 187 16.31 -10.67 -13.19
C LEU B 187 15.62 -11.39 -14.34
N ALA B 188 14.65 -12.27 -14.02
CA ALA B 188 13.93 -12.97 -15.07
C ALA B 188 13.18 -12.00 -15.97
N GLY B 189 12.74 -10.87 -15.43
CA GLY B 189 12.02 -9.87 -16.19
C GLY B 189 12.86 -9.01 -17.11
N GLY B 190 14.18 -9.18 -17.12
CA GLY B 190 15.05 -8.42 -18.00
C GLY B 190 15.99 -7.46 -17.31
N LYS B 191 15.81 -7.16 -16.02
CA LYS B 191 16.77 -6.33 -15.32
C LYS B 191 18.07 -7.09 -15.10
N LYS B 192 19.16 -6.35 -14.99
CA LYS B 192 20.48 -6.94 -14.88
C LYS B 192 21.02 -6.95 -13.47
N LYS B 193 20.68 -5.92 -12.69
CA LYS B 193 20.98 -5.80 -11.28
C LYS B 193 19.75 -6.12 -10.44
N PRO B 194 19.92 -6.74 -9.28
CA PRO B 194 18.86 -6.67 -8.27
C PRO B 194 18.77 -5.26 -7.73
N MET B 195 17.54 -4.80 -7.52
CA MET B 195 17.34 -3.40 -7.14
C MET B 195 17.98 -3.08 -5.79
N VAL B 196 18.15 -4.09 -4.94
CA VAL B 196 18.83 -3.94 -3.66
C VAL B 196 20.13 -4.74 -3.72
N THR B 197 21.24 -4.08 -3.41
CA THR B 197 22.52 -4.77 -3.35
C THR B 197 22.60 -5.58 -2.07
N PRO B 198 22.78 -6.89 -2.14
CA PRO B 198 22.78 -7.70 -0.93
C PRO B 198 24.15 -7.73 -0.26
N ILE B 199 24.11 -7.80 1.07
CA ILE B 199 25.32 -7.88 1.88
C ILE B 199 25.22 -9.09 2.79
N TRP B 200 26.38 -9.56 3.22
CA TRP B 200 26.43 -10.61 4.23
C TRP B 200 26.53 -10.18 5.69
N GLU B 201 27.70 -9.67 6.09
CA GLU B 201 27.91 -9.04 7.38
C GLU B 201 27.07 -9.61 8.52
N ARG B 202 27.01 -10.94 8.61
CA ARG B 202 26.32 -11.57 9.72
C ARG B 202 27.00 -11.30 11.05
N GLU B 203 28.20 -10.69 11.03
CA GLU B 203 28.88 -10.29 12.24
C GLU B 203 28.14 -9.19 13.00
N ARG B 204 27.22 -8.48 12.32
CA ARG B 204 26.51 -7.37 12.97
C ARG B 204 25.59 -7.83 14.10
N LEU B 205 25.23 -9.11 14.14
CA LEU B 205 24.22 -9.60 15.07
C LEU B 205 24.77 -10.81 15.83
N VAL B 206 25.83 -10.57 16.61
CA VAL B 206 26.54 -11.62 17.32
C VAL B 206 26.45 -11.33 18.82
N GLY B 207 25.92 -12.29 19.57
CA GLY B 207 25.79 -12.11 20.99
C GLY B 207 27.05 -12.49 21.74
N LYS B 208 27.23 -11.86 22.91
CA LYS B 208 28.38 -12.10 23.77
C LYS B 208 27.90 -12.80 25.04
N PRO B 209 28.03 -14.12 25.14
CA PRO B 209 27.37 -14.85 26.23
C PRO B 209 27.93 -14.47 27.60
N GLU B 210 27.02 -14.21 28.52
CA GLU B 210 27.39 -13.79 29.87
C GLU B 210 27.80 -15.01 30.68
N ASP B 211 29.02 -14.98 31.22
CA ASP B 211 29.57 -16.16 31.88
C ASP B 211 28.73 -16.62 33.06
N ASP B 212 28.13 -15.67 33.79
CA ASP B 212 27.42 -15.98 35.02
C ASP B 212 25.91 -16.01 34.86
N GLN B 213 25.39 -15.89 33.63
CA GLN B 213 23.96 -15.84 33.42
C GLN B 213 23.48 -17.20 32.93
N PRO B 214 22.67 -17.93 33.72
CA PRO B 214 22.16 -19.20 33.22
C PRO B 214 21.21 -18.98 32.05
N PRO B 215 21.16 -19.92 31.11
CA PRO B 215 20.29 -19.74 29.94
C PRO B 215 18.82 -19.73 30.36
N PHE B 216 18.04 -18.95 29.62
CA PHE B 216 16.60 -18.84 29.84
C PHE B 216 15.90 -19.16 28.53
N VAL B 217 15.26 -20.32 28.47
CA VAL B 217 14.46 -20.68 27.29
C VAL B 217 12.99 -20.42 27.63
N PRO B 218 12.41 -19.35 27.07
CA PRO B 218 11.01 -19.04 27.39
C PRO B 218 10.06 -20.08 26.85
N GLY B 219 8.97 -20.28 27.58
CA GLY B 219 7.92 -21.21 27.17
C GLY B 219 8.40 -22.63 26.96
N ASP B 220 9.31 -23.12 27.79
CA ASP B 220 9.78 -24.48 27.62
C ASP B 220 8.85 -25.50 28.26
N ASP B 221 8.09 -25.07 29.27
CA ASP B 221 7.22 -25.97 30.04
C ASP B 221 5.90 -25.26 30.27
N THR B 222 4.83 -25.73 29.61
CA THR B 222 3.56 -25.02 29.57
C THR B 222 2.41 -25.93 30.00
N ALA B 223 1.23 -25.33 30.06
CA ALA B 223 0.03 -26.04 30.54
C ALA B 223 -0.28 -27.25 29.66
N ALA B 224 -0.86 -28.28 30.29
CA ALA B 224 -1.16 -29.52 29.62
C ALA B 224 -2.50 -29.44 28.91
N SER B 225 -2.62 -30.20 27.82
CA SER B 225 -3.90 -30.37 27.15
C SER B 225 -4.36 -31.80 27.30
N PRO B 226 -5.63 -32.03 27.66
CA PRO B 226 -6.14 -33.41 27.77
C PRO B 226 -6.30 -34.12 26.43
N TYR B 227 -6.05 -33.44 25.30
CA TYR B 227 -6.10 -34.07 23.99
C TYR B 227 -4.72 -34.48 23.49
N LEU B 228 -3.66 -34.09 24.18
CA LEU B 228 -2.29 -34.38 23.80
C LEU B 228 -1.66 -35.38 24.77
N PRO B 229 -0.79 -36.27 24.28
CA PRO B 229 -0.39 -36.39 22.87
C PRO B 229 -1.42 -37.11 22.01
N THR B 230 -1.50 -36.72 20.74
CA THR B 230 -2.33 -37.41 19.77
C THR B 230 -1.61 -37.44 18.43
N ASP B 231 -2.03 -38.39 17.58
CA ASP B 231 -1.64 -38.41 16.19
C ASP B 231 -2.66 -37.74 15.29
N ASP B 232 -3.75 -37.23 15.87
CA ASP B 232 -4.92 -36.81 15.11
C ASP B 232 -4.93 -35.29 14.92
N TRP B 233 -3.85 -34.77 14.35
CA TRP B 233 -3.71 -33.35 14.10
C TRP B 233 -4.25 -32.99 12.72
N VAL B 234 -4.96 -31.86 12.66
CA VAL B 234 -5.48 -31.35 11.39
C VAL B 234 -5.01 -29.91 11.22
N THR B 235 -4.77 -29.53 9.97
CA THR B 235 -4.43 -28.16 9.60
C THR B 235 -5.57 -27.58 8.78
N GLU B 236 -6.01 -26.38 9.15
CA GLU B 236 -7.08 -25.72 8.44
C GLU B 236 -6.77 -24.23 8.29
N LYS B 237 -7.34 -23.63 7.25
CA LYS B 237 -7.14 -22.22 6.94
C LYS B 237 -8.39 -21.46 7.32
N ILE B 238 -8.27 -20.60 8.33
CA ILE B 238 -9.39 -19.78 8.80
C ILE B 238 -9.33 -18.44 8.08
N THR B 239 -10.50 -17.95 7.65
CA THR B 239 -10.60 -16.69 6.93
C THR B 239 -11.40 -15.68 7.75
N ILE B 240 -10.82 -14.50 7.94
CA ILE B 240 -11.44 -13.42 8.70
C ILE B 240 -11.56 -12.22 7.77
N ARG B 241 -12.79 -11.82 7.46
CA ARG B 241 -13.01 -10.69 6.56
C ARG B 241 -12.76 -9.38 7.30
N ALA B 242 -12.47 -8.33 6.51
CA ALA B 242 -12.02 -7.07 7.08
C ALA B 242 -13.06 -6.46 8.02
N ASP B 243 -14.35 -6.69 7.76
CA ASP B 243 -15.37 -6.03 8.56
C ASP B 243 -15.50 -6.66 9.95
N SER B 244 -15.21 -7.95 10.08
CA SER B 244 -15.15 -8.55 11.42
C SER B 244 -13.92 -8.06 12.19
N ILE B 245 -12.79 -7.92 11.49
CA ILE B 245 -11.62 -7.29 12.10
C ILE B 245 -11.98 -5.90 12.61
N ARG B 246 -12.62 -5.11 11.75
CA ARG B 246 -13.02 -3.75 12.13
C ARG B 246 -13.97 -3.77 13.31
N ARG B 247 -14.91 -4.71 13.33
CA ARG B 247 -15.88 -4.76 14.43
C ARG B 247 -15.21 -5.21 15.73
N LEU B 248 -14.24 -6.11 15.64
CA LEU B 248 -13.53 -6.53 16.85
C LEU B 248 -12.65 -5.41 17.39
N LYS B 249 -12.05 -4.62 16.50
CA LYS B 249 -11.22 -3.50 16.94
C LYS B 249 -12.03 -2.47 17.70
N GLU B 250 -13.18 -2.08 17.13
CA GLU B 250 -14.03 -1.10 17.79
C GLU B 250 -14.44 -1.57 19.18
N ALA B 251 -14.91 -2.82 19.29
CA ALA B 251 -15.30 -3.36 20.58
C ALA B 251 -14.14 -3.36 21.56
N THR B 252 -12.92 -3.62 21.09
CA THR B 252 -11.76 -3.60 21.97
C THR B 252 -11.41 -2.18 22.40
N LEU B 253 -11.68 -1.18 21.56
CA LEU B 253 -11.45 0.19 21.95
C LEU B 253 -12.42 0.64 23.04
N LYS B 254 -13.63 0.07 23.07
CA LYS B 254 -14.63 0.40 24.08
C LYS B 254 -14.44 -0.35 25.39
N GLU B 255 -13.31 -1.03 25.57
CA GLU B 255 -12.96 -1.62 26.85
C GLU B 255 -11.88 -0.85 27.59
N TYR B 256 -11.06 -0.08 26.87
CA TYR B 256 -9.91 0.59 27.42
C TYR B 256 -9.55 1.74 26.49
N ASP B 257 -9.44 2.95 27.04
CA ASP B 257 -9.07 4.10 26.24
C ASP B 257 -7.63 3.93 25.78
N PHE B 258 -7.45 3.50 24.54
CA PHE B 258 -6.12 3.38 23.97
C PHE B 258 -5.57 4.71 23.45
N SER B 259 -5.74 5.78 24.22
CA SER B 259 -4.90 6.96 24.08
C SER B 259 -4.98 7.62 22.71
N ASN B 260 -3.84 7.68 22.03
CA ASN B 260 -3.83 7.76 20.57
C ASN B 260 -3.00 6.61 20.01
N GLU B 261 -2.62 5.66 20.87
CA GLU B 261 -2.15 4.37 20.37
C GLU B 261 -3.29 3.70 19.60
N THR B 262 -2.99 3.29 18.37
CA THR B 262 -3.97 2.46 17.70
C THR B 262 -3.64 1.00 17.96
N ILE B 263 -4.64 0.15 17.80
CA ILE B 263 -4.50 -1.28 17.97
C ILE B 263 -4.44 -1.92 16.59
N THR B 264 -3.53 -2.87 16.43
CA THR B 264 -3.29 -3.47 15.13
C THR B 264 -4.11 -4.74 14.95
N THR B 265 -4.31 -5.11 13.68
CA THR B 265 -4.98 -6.36 13.35
C THR B 265 -4.24 -7.55 13.95
N PHE B 266 -2.90 -7.51 13.93
CA PHE B 266 -2.12 -8.61 14.48
C PHE B 266 -2.35 -8.76 15.99
N GLU B 267 -2.40 -7.64 16.71
CA GLU B 267 -2.55 -7.70 18.16
C GLU B 267 -3.92 -8.22 18.55
N VAL B 268 -4.97 -7.68 17.96
CA VAL B 268 -6.33 -7.96 18.43
C VAL B 268 -6.77 -9.36 18.01
N ILE B 269 -6.40 -9.78 16.79
CA ILE B 269 -6.72 -11.13 16.36
C ILE B 269 -5.82 -12.14 17.03
N GLY B 270 -4.53 -11.81 17.19
CA GLY B 270 -3.64 -12.66 17.95
C GLY B 270 -4.17 -12.93 19.35
N ALA B 271 -4.65 -11.88 20.03
CA ALA B 271 -5.26 -12.05 21.34
C ALA B 271 -6.48 -12.96 21.27
N TYR B 272 -7.33 -12.79 20.25
CA TYR B 272 -8.49 -13.64 20.11
C TYR B 272 -8.09 -15.08 19.79
N LEU B 273 -7.05 -15.25 18.97
CA LEU B 273 -6.55 -16.60 18.69
C LEU B 273 -6.07 -17.29 19.96
N TRP B 274 -5.37 -16.55 20.82
CA TRP B 274 -4.85 -17.12 22.07
C TRP B 274 -5.99 -17.60 22.96
N LYS B 275 -6.97 -16.73 23.20
CA LYS B 275 -8.13 -17.11 24.01
C LYS B 275 -8.82 -18.35 23.44
N SER B 276 -9.06 -18.35 22.13
CA SER B 276 -9.77 -19.46 21.51
C SER B 276 -8.96 -20.74 21.57
N ARG B 277 -7.64 -20.63 21.45
CA ARG B 277 -6.80 -21.81 21.48
C ARG B 277 -6.74 -22.42 22.88
N VAL B 278 -6.66 -21.58 23.91
CA VAL B 278 -6.72 -22.07 25.27
C VAL B 278 -8.04 -22.81 25.51
N LYS B 279 -9.13 -22.26 24.95
CA LYS B 279 -10.43 -22.92 25.11
C LYS B 279 -10.51 -24.19 24.27
N ALA B 280 -10.04 -24.13 23.02
CA ALA B 280 -10.09 -25.31 22.16
C ALA B 280 -9.27 -26.45 22.73
N LEU B 281 -8.01 -26.17 23.08
CA LEU B 281 -7.15 -27.22 23.64
C LEU B 281 -7.53 -27.56 25.08
N ASN B 282 -8.40 -26.79 25.71
CA ASN B 282 -8.85 -27.05 27.08
C ASN B 282 -7.66 -27.19 28.03
N LEU B 283 -6.77 -26.22 27.99
CA LEU B 283 -5.54 -26.32 28.76
C LEU B 283 -5.80 -26.16 30.25
N ASP B 284 -5.06 -26.94 31.04
CA ASP B 284 -5.03 -26.84 32.50
C ASP B 284 -5.04 -25.35 32.85
N ARG B 285 -6.09 -24.91 33.55
CA ARG B 285 -6.27 -23.48 33.82
C ARG B 285 -5.24 -23.01 34.84
N ASP B 286 -4.69 -23.92 35.64
CA ASP B 286 -3.61 -23.57 36.55
C ASP B 286 -2.26 -23.48 35.85
N GLY B 287 -2.13 -24.10 34.68
CA GLY B 287 -0.87 -24.09 33.97
C GLY B 287 -0.61 -22.76 33.28
N VAL B 288 0.62 -22.62 32.80
CA VAL B 288 1.06 -21.41 32.11
C VAL B 288 1.01 -21.66 30.61
N THR B 289 0.37 -20.76 29.88
CA THR B 289 0.43 -20.74 28.43
C THR B 289 1.24 -19.53 27.99
N VAL B 290 1.99 -19.69 26.91
CA VAL B 290 2.94 -18.67 26.48
C VAL B 290 2.65 -18.28 25.03
N LEU B 291 2.48 -16.99 24.80
CA LEU B 291 2.28 -16.45 23.46
C LEU B 291 3.61 -15.91 22.95
N GLY B 292 4.04 -16.41 21.80
CA GLY B 292 5.25 -15.92 21.14
C GLY B 292 4.88 -15.06 19.94
N LEU B 293 5.62 -13.98 19.76
CA LEU B 293 5.52 -13.16 18.57
C LEU B 293 6.93 -12.68 18.19
N SER B 294 7.11 -12.40 16.91
CA SER B 294 8.39 -11.97 16.38
C SER B 294 8.38 -10.46 16.16
N VAL B 295 9.48 -9.81 16.49
CA VAL B 295 9.61 -8.35 16.40
C VAL B 295 10.88 -8.03 15.64
N GLY B 296 10.75 -7.37 14.50
CA GLY B 296 11.92 -7.00 13.72
C GLY B 296 12.78 -6.01 14.48
N ILE B 297 14.10 -6.13 14.29
CA ILE B 297 15.05 -5.29 15.02
C ILE B 297 16.02 -4.64 14.04
N ARG B 298 15.61 -4.50 12.77
CA ARG B 298 16.50 -3.92 11.77
C ARG B 298 16.99 -2.53 12.18
N ASN B 299 16.09 -1.71 12.72
CA ASN B 299 16.44 -0.37 13.15
C ASN B 299 16.74 -0.28 14.64
N VAL B 300 16.67 -1.41 15.37
CA VAL B 300 17.02 -1.39 16.78
C VAL B 300 18.54 -1.42 16.95
N VAL B 301 19.22 -2.28 16.19
CA VAL B 301 20.67 -2.28 16.20
C VAL B 301 21.19 -0.91 15.78
N ASP B 302 22.38 -0.58 16.28
CA ASP B 302 23.09 0.63 15.88
C ASP B 302 24.49 0.21 15.46
N PRO B 303 24.91 0.46 14.21
CA PRO B 303 24.10 1.11 13.16
C PRO B 303 22.96 0.21 12.68
N PRO B 304 21.90 0.79 12.13
CA PRO B 304 20.79 -0.03 11.63
C PRO B 304 21.23 -0.94 10.50
N LEU B 305 20.41 -1.94 10.23
CA LEU B 305 20.69 -2.88 9.17
C LEU B 305 20.38 -2.25 7.82
N PRO B 306 21.27 -2.36 6.84
CA PRO B 306 20.93 -1.90 5.48
C PRO B 306 19.97 -2.87 4.82
N ASP B 307 19.30 -2.37 3.78
CA ASP B 307 18.21 -3.13 3.17
C ASP B 307 18.69 -4.41 2.49
N GLY B 308 19.96 -4.44 2.08
CA GLY B 308 20.52 -5.64 1.48
C GLY B 308 20.84 -6.75 2.45
N TYR B 309 20.72 -6.49 3.75
CA TYR B 309 20.91 -7.52 4.76
C TYR B 309 19.72 -8.48 4.72
N TYR B 310 19.99 -9.77 4.48
CA TYR B 310 18.92 -10.75 4.35
C TYR B 310 18.99 -11.85 5.40
N GLY B 311 19.87 -11.74 6.39
CA GLY B 311 19.85 -12.67 7.49
C GLY B 311 18.68 -12.43 8.42
N ASN B 312 18.54 -13.31 9.40
CA ASN B 312 17.51 -13.15 10.41
C ASN B 312 17.71 -11.83 11.15
N ALA B 313 16.64 -11.04 11.24
CA ALA B 313 16.72 -9.70 11.81
C ALA B 313 15.50 -9.43 12.69
N TYR B 314 15.18 -10.37 13.55
CA TYR B 314 14.06 -10.23 14.48
C TYR B 314 14.38 -11.02 15.74
N ILE B 315 13.67 -10.68 16.81
CA ILE B 315 13.76 -11.43 18.06
C ILE B 315 12.37 -11.87 18.47
N ASP B 316 12.30 -13.02 19.11
CA ASP B 316 11.04 -13.57 19.58
C ASP B 316 10.73 -13.04 20.98
N MET B 317 9.54 -12.47 21.14
CA MET B 317 9.05 -12.02 22.43
C MET B 317 7.97 -12.98 22.91
N TYR B 318 7.88 -13.15 24.23
CA TYR B 318 6.98 -14.13 24.82
C TYR B 318 6.16 -13.48 25.93
N VAL B 319 4.87 -13.79 25.95
CA VAL B 319 3.97 -13.28 26.98
C VAL B 319 3.44 -14.47 27.77
N PRO B 320 3.93 -14.69 28.99
CA PRO B 320 3.42 -15.80 29.81
C PRO B 320 2.22 -15.39 30.64
N LEU B 321 1.22 -16.27 30.65
CA LEU B 321 0.03 -16.11 31.49
C LEU B 321 -0.45 -17.50 31.86
N THR B 322 -1.25 -17.57 32.93
CA THR B 322 -1.92 -18.82 33.22
C THR B 322 -3.13 -18.98 32.30
N ALA B 323 -3.42 -20.23 31.94
CA ALA B 323 -4.52 -20.50 31.02
C ALA B 323 -5.83 -19.90 31.52
N ARG B 324 -5.96 -19.71 32.83
CA ARG B 324 -7.16 -19.08 33.38
C ARG B 324 -7.16 -17.57 33.14
N GLU B 325 -6.00 -16.92 33.25
CA GLU B 325 -5.96 -15.50 32.97
C GLU B 325 -6.29 -15.21 31.51
N VAL B 326 -5.84 -16.08 30.59
CA VAL B 326 -6.12 -15.87 29.18
C VAL B 326 -7.62 -15.91 28.92
N GLU B 327 -8.34 -16.80 29.61
CA GLU B 327 -9.78 -16.90 29.39
C GLU B 327 -10.55 -15.77 30.07
N GLU B 328 -10.06 -15.30 31.23
CA GLU B 328 -10.75 -14.24 31.94
C GLU B 328 -10.36 -12.84 31.48
N PHE B 329 -9.13 -12.63 31.00
CA PHE B 329 -8.72 -11.30 30.58
C PHE B 329 -9.56 -10.85 29.39
N THR B 330 -9.78 -9.54 29.30
CA THR B 330 -10.38 -9.00 28.10
C THR B 330 -9.38 -9.04 26.95
N ILE B 331 -9.91 -8.88 25.73
CA ILE B 331 -9.03 -8.71 24.57
C ILE B 331 -8.07 -7.56 24.81
N SER B 332 -8.60 -6.44 25.30
CA SER B 332 -7.75 -5.28 25.56
C SER B 332 -6.63 -5.61 26.55
N ASP B 333 -6.93 -6.44 27.56
CA ASP B 333 -5.89 -6.83 28.52
C ASP B 333 -4.71 -7.48 27.82
N ILE B 334 -4.98 -8.41 26.91
CA ILE B 334 -3.89 -9.10 26.23
C ILE B 334 -3.19 -8.17 25.26
N VAL B 335 -3.93 -7.20 24.69
CA VAL B 335 -3.32 -6.24 23.78
C VAL B 335 -2.30 -5.37 24.52
N LYS B 336 -2.65 -4.86 25.71
CA LYS B 336 -1.67 -4.10 26.47
C LYS B 336 -0.42 -4.93 26.75
N LEU B 337 -0.59 -6.24 26.98
CA LEU B 337 0.58 -7.09 27.21
C LEU B 337 1.37 -7.28 25.92
N ILE B 338 0.67 -7.44 24.80
CA ILE B 338 1.35 -7.62 23.52
C ILE B 338 2.10 -6.35 23.13
N LYS B 339 1.49 -5.18 23.35
CA LYS B 339 2.17 -3.93 23.06
C LYS B 339 3.40 -3.75 23.97
N GLU B 340 3.30 -4.16 25.22
CA GLU B 340 4.44 -4.04 26.13
C GLU B 340 5.61 -4.89 25.67
N ALA B 341 5.33 -6.11 25.18
CA ALA B 341 6.39 -6.95 24.65
C ALA B 341 7.09 -6.28 23.47
N LYS B 342 6.31 -5.62 22.60
CA LYS B 342 6.89 -4.95 21.45
C LYS B 342 7.78 -3.79 21.85
N ARG B 343 7.38 -3.03 22.88
CA ARG B 343 8.20 -1.92 23.36
C ARG B 343 9.57 -2.40 23.85
N ASN B 344 9.62 -3.58 24.46
CA ASN B 344 10.86 -4.05 25.06
C ASN B 344 11.82 -4.63 24.02
N ALA B 345 11.30 -5.25 22.95
CA ALA B 345 12.16 -5.68 21.86
C ALA B 345 12.82 -4.50 21.16
N HIS B 346 12.24 -3.30 21.30
CA HIS B 346 12.78 -2.09 20.68
C HIS B 346 13.77 -1.35 21.57
N ASP B 347 14.42 -2.06 22.48
CA ASP B 347 15.51 -1.50 23.29
C ASP B 347 16.81 -2.13 22.83
N LYS B 348 17.78 -1.28 22.45
CA LYS B 348 19.04 -1.78 21.94
C LYS B 348 19.75 -2.65 22.97
N ASP B 349 19.73 -2.22 24.25
CA ASP B 349 20.38 -3.00 25.29
C ASP B 349 19.65 -4.32 25.56
N TYR B 350 18.32 -4.33 25.42
CA TYR B 350 17.59 -5.58 25.56
C TYR B 350 18.00 -6.58 24.49
N LEU B 351 18.22 -6.09 23.26
CA LEU B 351 18.54 -6.99 22.16
C LEU B 351 19.94 -7.60 22.34
N GLN B 352 20.87 -6.84 22.92
CA GLN B 352 22.20 -7.38 23.20
C GLN B 352 22.12 -8.57 24.15
N GLU B 353 21.31 -8.44 25.20
CA GLU B 353 21.18 -9.52 26.18
C GLU B 353 20.44 -10.71 25.58
N GLU B 354 19.42 -10.45 24.75
CA GLU B 354 18.75 -11.53 24.05
C GLU B 354 19.71 -12.25 23.11
N LEU B 355 20.63 -11.50 22.50
CA LEU B 355 21.66 -12.11 21.67
C LEU B 355 22.60 -12.96 22.53
N ALA B 356 23.03 -12.42 23.67
CA ALA B 356 23.92 -13.15 24.57
C ALA B 356 23.27 -14.44 25.05
N ASN B 357 21.97 -14.39 25.37
CA ASN B 357 21.29 -15.57 25.88
C ASN B 357 21.21 -16.67 24.83
N THR B 358 20.92 -16.30 23.58
CA THR B 358 20.89 -17.29 22.51
C THR B 358 22.25 -17.96 22.34
N GLU B 359 23.33 -17.17 22.33
CA GLU B 359 24.67 -17.73 22.25
C GLU B 359 24.92 -18.72 23.38
N LYS B 360 24.49 -18.39 24.60
CA LYS B 360 24.69 -19.30 25.72
C LYS B 360 23.87 -20.57 25.55
N ILE B 361 22.65 -20.45 25.03
CA ILE B 361 21.84 -21.64 24.75
C ILE B 361 22.55 -22.53 23.75
N ILE B 362 23.07 -21.94 22.68
CA ILE B 362 23.77 -22.69 21.64
C ILE B 362 24.96 -23.44 22.25
N LYS B 363 25.73 -22.75 23.08
CA LYS B 363 26.99 -23.32 23.55
C LYS B 363 26.76 -24.42 24.59
N MET B 364 25.80 -24.23 25.49
CA MET B 364 25.55 -25.22 26.53
C MET B 364 24.88 -26.49 25.99
N ASN B 365 24.17 -26.38 24.86
CA ASN B 365 23.54 -27.54 24.21
C ASN B 365 22.72 -28.36 25.19
N LEU B 366 21.84 -27.70 25.93
CA LEU B 366 21.13 -28.35 27.01
C LEU B 366 19.93 -29.12 26.50
N THR B 367 19.55 -30.15 27.27
CA THR B 367 18.46 -31.03 26.87
C THR B 367 17.16 -30.25 26.69
N ILE B 368 16.44 -30.57 25.63
CA ILE B 368 15.11 -30.00 25.44
C ILE B 368 14.12 -30.76 26.32
N LYS B 369 13.35 -30.01 27.10
CA LYS B 369 12.43 -30.61 28.06
C LYS B 369 11.22 -29.71 28.23
N GLY B 370 10.17 -30.28 28.81
CA GLY B 370 8.98 -29.54 29.15
C GLY B 370 7.82 -29.87 28.23
N LYS B 371 6.63 -29.54 28.72
CA LYS B 371 5.40 -29.69 27.95
C LYS B 371 5.16 -28.44 27.11
N LYS B 372 4.94 -28.62 25.82
CA LYS B 372 4.72 -27.51 24.90
C LYS B 372 3.27 -27.37 24.46
N ASP B 373 2.35 -28.01 25.21
CA ASP B 373 0.94 -27.97 24.83
C ASP B 373 0.40 -26.54 24.83
N GLY B 374 0.78 -25.74 25.81
CA GLY B 374 0.32 -24.38 25.95
C GLY B 374 1.20 -23.33 25.32
N LEU B 375 2.19 -23.73 24.53
CA LEU B 375 3.00 -22.76 23.79
C LEU B 375 2.28 -22.39 22.50
N PHE B 376 2.10 -21.10 22.28
CA PHE B 376 1.38 -20.60 21.12
C PHE B 376 2.23 -19.52 20.46
N CYS B 377 2.70 -19.78 19.25
CA CYS B 377 3.61 -18.90 18.53
C CYS B 377 2.90 -18.35 17.32
N LEU B 378 2.84 -17.03 17.21
CA LEU B 378 2.22 -16.35 16.08
C LEU B 378 3.29 -15.96 15.07
N THR B 379 3.06 -16.32 13.81
CA THR B 379 3.86 -15.84 12.70
C THR B 379 3.00 -14.96 11.81
N ASP B 380 3.65 -14.05 11.10
CA ASP B 380 2.97 -13.09 10.24
C ASP B 380 3.67 -13.09 8.90
N TRP B 381 3.01 -13.64 7.88
CA TRP B 381 3.57 -13.67 6.54
C TRP B 381 2.68 -12.93 5.54
N ARG B 382 1.85 -12.02 6.03
CA ARG B 382 1.06 -11.16 5.14
C ARG B 382 1.94 -10.30 4.24
N ASN B 383 3.21 -10.10 4.60
CA ASN B 383 4.10 -9.22 3.85
C ASN B 383 4.89 -9.96 2.78
N ILE B 384 4.53 -11.20 2.46
CA ILE B 384 5.39 -12.01 1.59
C ILE B 384 5.47 -11.43 0.19
N GLY B 385 4.43 -10.75 -0.27
CA GLY B 385 4.44 -10.25 -1.63
C GLY B 385 4.45 -8.74 -1.77
N ILE B 386 4.97 -8.02 -0.78
CA ILE B 386 4.94 -6.57 -0.76
C ILE B 386 6.33 -5.95 -0.94
N PHE B 387 7.29 -6.72 -1.45
CA PHE B 387 8.65 -6.22 -1.61
C PHE B 387 8.99 -5.87 -3.05
N GLY B 388 8.06 -6.06 -3.98
CA GLY B 388 8.29 -5.71 -5.36
C GLY B 388 7.37 -6.51 -6.27
N SER B 389 7.52 -6.24 -7.56
CA SER B 389 6.79 -7.01 -8.55
C SER B 389 7.42 -8.40 -8.70
N MET B 390 6.60 -9.35 -9.15
CA MET B 390 7.07 -10.68 -9.50
C MET B 390 6.59 -11.05 -10.90
N ASP B 391 6.44 -10.04 -11.75
CA ASP B 391 5.98 -10.17 -13.13
C ASP B 391 7.20 -10.29 -14.04
N PHE B 392 7.18 -11.28 -14.96
CA PHE B 392 8.41 -11.45 -15.75
C PHE B 392 8.34 -11.57 -17.27
N GLY B 393 7.28 -12.00 -17.94
CA GLY B 393 5.95 -11.51 -17.62
C GLY B 393 4.94 -12.62 -17.83
N TRP B 394 4.35 -13.06 -16.74
CA TRP B 394 3.19 -14.00 -16.80
C TRP B 394 2.25 -13.31 -15.81
N ASP B 395 2.42 -11.99 -15.66
CA ASP B 395 1.73 -11.03 -14.75
C ASP B 395 1.41 -10.55 -13.34
N GLU B 396 2.12 -11.09 -12.34
CA GLU B 396 2.01 -10.58 -10.96
C GLU B 396 1.36 -11.91 -10.60
N PRO B 397 1.86 -12.92 -9.62
CA PRO B 397 1.29 -14.21 -9.22
C PRO B 397 -0.16 -14.04 -8.78
N VAL B 398 -1.03 -14.94 -9.24
CA VAL B 398 -2.42 -14.88 -8.81
C VAL B 398 -2.59 -15.32 -7.37
N ASN B 399 -1.58 -15.93 -6.78
CA ASN B 399 -1.63 -16.37 -5.39
C ASN B 399 -0.22 -16.70 -4.91
N ILE B 400 0.03 -16.41 -3.64
CA ILE B 400 1.29 -16.77 -2.99
C ILE B 400 0.91 -17.51 -1.71
N VAL B 401 1.27 -18.79 -1.64
CA VAL B 401 0.87 -19.65 -0.53
C VAL B 401 2.09 -20.03 0.31
N PRO B 402 2.31 -19.41 1.46
CA PRO B 402 3.33 -19.91 2.38
C PRO B 402 2.87 -21.19 3.05
N VAL B 403 3.82 -22.08 3.32
CA VAL B 403 3.51 -23.37 3.92
C VAL B 403 4.27 -23.45 5.24
N VAL B 404 3.53 -23.64 6.33
CA VAL B 404 4.12 -23.67 7.67
C VAL B 404 5.13 -24.80 7.75
N PRO B 405 6.32 -24.58 8.31
CA PRO B 405 7.23 -25.69 8.54
C PRO B 405 6.58 -26.79 9.36
N SER B 406 6.69 -28.03 8.87
CA SER B 406 6.16 -29.18 9.58
C SER B 406 6.71 -29.26 11.00
N GLU B 407 7.93 -28.76 11.20
CA GLU B 407 8.57 -28.81 12.51
C GLU B 407 7.91 -27.88 13.52
N THR B 408 7.22 -26.84 13.06
CA THR B 408 6.60 -25.86 13.95
C THR B 408 5.09 -25.81 13.85
N ALA B 409 4.48 -26.53 12.90
CA ALA B 409 3.09 -26.30 12.53
C ALA B 409 2.14 -26.43 13.72
N ARG B 410 2.49 -27.25 14.71
CA ARG B 410 1.52 -27.59 15.75
C ARG B 410 1.41 -26.52 16.83
N THR B 411 2.40 -25.65 16.98
CA THR B 411 2.32 -24.55 17.93
C THR B 411 2.20 -23.20 17.23
N VAL B 412 2.03 -23.18 15.92
CA VAL B 412 2.07 -21.95 15.13
C VAL B 412 0.70 -21.70 14.51
N ASN B 413 0.24 -20.45 14.60
CA ASN B 413 -0.79 -19.91 13.73
C ASN B 413 -0.14 -18.85 12.86
N MET B 414 -0.33 -18.94 11.55
CA MET B 414 0.32 -18.05 10.59
C MET B 414 -0.70 -17.13 9.93
N PHE B 415 -0.45 -15.83 10.01
CA PHE B 415 -1.20 -14.84 9.24
C PHE B 415 -0.71 -14.81 7.81
N MET B 416 -1.64 -14.75 6.85
CA MET B 416 -1.28 -14.64 5.45
C MET B 416 -2.31 -13.77 4.72
N ARG B 417 -1.88 -13.08 3.67
CA ARG B 417 -2.86 -12.36 2.85
C ARG B 417 -3.59 -13.34 1.94
N PRO B 418 -4.85 -13.05 1.62
CA PRO B 418 -5.57 -13.85 0.62
C PRO B 418 -4.99 -13.70 -0.77
N SER B 419 -5.52 -14.51 -1.68
CA SER B 419 -5.19 -14.38 -3.09
C SER B 419 -5.63 -13.02 -3.62
N ARG B 420 -4.91 -12.53 -4.64
CA ARG B 420 -5.27 -11.25 -5.25
C ARG B 420 -6.44 -11.36 -6.21
N LEU B 421 -7.07 -12.54 -6.32
CA LEU B 421 -8.24 -12.73 -7.16
C LEU B 421 -9.54 -12.75 -6.38
N GLU B 422 -9.48 -12.70 -5.05
CA GLU B 422 -10.67 -12.76 -4.21
C GLU B 422 -11.01 -11.33 -3.77
N SER B 423 -11.96 -10.72 -4.47
CA SER B 423 -12.36 -9.34 -4.16
C SER B 423 -13.01 -9.25 -2.78
N ASP B 424 -13.75 -10.29 -2.38
CA ASP B 424 -14.49 -10.30 -1.14
C ASP B 424 -13.59 -10.32 0.09
N MET B 425 -12.27 -10.39 -0.12
CA MET B 425 -11.35 -10.59 1.00
C MET B 425 -10.21 -9.58 1.02
N VAL B 426 -10.31 -8.49 0.24
CA VAL B 426 -9.39 -7.37 0.43
C VAL B 426 -9.60 -6.82 1.83
N GLY B 427 -8.49 -6.55 2.53
CA GLY B 427 -8.55 -6.26 3.94
C GLY B 427 -8.70 -7.48 4.83
N GLY B 428 -8.95 -8.65 4.25
CA GLY B 428 -9.11 -9.85 5.05
C GLY B 428 -7.78 -10.47 5.42
N VAL B 429 -7.86 -11.35 6.42
CA VAL B 429 -6.71 -12.09 6.92
C VAL B 429 -7.06 -13.57 6.89
N GLN B 430 -6.07 -14.40 6.60
CA GLN B 430 -6.21 -15.85 6.67
C GLN B 430 -5.20 -16.41 7.64
N ILE B 431 -5.64 -17.32 8.50
CA ILE B 431 -4.82 -17.90 9.55
C ILE B 431 -4.76 -19.41 9.34
N VAL B 432 -3.55 -19.95 9.39
CA VAL B 432 -3.32 -21.39 9.21
C VAL B 432 -3.19 -22.01 10.58
N VAL B 433 -4.08 -22.96 10.89
CA VAL B 433 -4.28 -23.47 12.23
C VAL B 433 -4.06 -24.98 12.21
N THR B 434 -3.22 -25.48 13.11
CA THR B 434 -2.96 -26.91 13.24
C THR B 434 -3.27 -27.33 14.67
N LEU B 435 -4.27 -28.18 14.83
CA LEU B 435 -4.80 -28.57 16.14
C LEU B 435 -5.23 -30.02 16.08
N PRO B 436 -5.36 -30.67 17.24
CA PRO B 436 -6.05 -31.97 17.25
C PRO B 436 -7.47 -31.81 16.76
N ARG B 437 -7.97 -32.85 16.08
CA ARG B 437 -9.26 -32.77 15.40
C ARG B 437 -10.35 -32.27 16.32
N ILE B 438 -10.40 -32.80 17.55
CA ILE B 438 -11.42 -32.40 18.50
C ILE B 438 -11.28 -30.92 18.84
N ALA B 439 -10.04 -30.45 18.98
CA ALA B 439 -9.81 -29.04 19.30
C ALA B 439 -10.17 -28.14 18.12
N MET B 440 -9.96 -28.61 16.90
CA MET B 440 -10.28 -27.80 15.72
C MET B 440 -11.77 -27.48 15.65
N VAL B 441 -12.61 -28.43 16.06
CA VAL B 441 -14.05 -28.21 16.09
C VAL B 441 -14.36 -27.00 16.97
N LYS B 442 -13.99 -27.09 18.25
CA LYS B 442 -14.23 -25.99 19.18
C LYS B 442 -13.56 -24.70 18.71
N PHE B 443 -12.36 -24.80 18.16
CA PHE B 443 -11.65 -23.61 17.72
C PHE B 443 -12.38 -22.89 16.59
N LYS B 444 -12.89 -23.65 15.61
CA LYS B 444 -13.62 -23.03 14.51
C LYS B 444 -14.90 -22.38 14.99
N GLU B 445 -15.52 -22.92 16.05
CA GLU B 445 -16.71 -22.30 16.61
C GLU B 445 -16.40 -20.95 17.24
N GLU B 446 -15.27 -20.85 17.93
CA GLU B 446 -14.88 -19.56 18.51
C GLU B 446 -14.55 -18.56 17.42
N MET B 447 -13.94 -19.02 16.33
CA MET B 447 -13.67 -18.15 15.19
C MET B 447 -14.95 -17.68 14.49
N GLU B 448 -16.07 -18.36 14.73
CA GLU B 448 -17.30 -18.03 14.02
C GLU B 448 -17.77 -16.62 14.35
N ALA B 449 -17.57 -16.17 15.58
CA ALA B 449 -17.91 -14.81 15.96
C ALA B 449 -16.87 -13.83 15.40
#